data_1YAD
#
_entry.id   1YAD
#
_cell.length_a   96.836
_cell.length_b   103.778
_cell.length_c   217.051
_cell.angle_alpha   90.00
_cell.angle_beta   90.00
_cell.angle_gamma   90.00
#
_symmetry.space_group_name_H-M   'C 2 2 21'
#
loop_
_entity.id
_entity.type
_entity.pdbx_description
1 polymer 'Regulatory protein tenI'
2 non-polymer 'SULFATE ION'
3 non-polymer TRIS-HYDROXYMETHYL-METHYL-AMMONIUM
4 water water
#
_entity_poly.entity_id   1
_entity_poly.type   'polypeptide(L)'
_entity_poly.pdbx_seq_one_letter_code
;HHHHHHSSGLVPRGSHMELHAITDDSKPVEELARIIITIQNEVDFIHIRERSKSAADILKLLDLIFEGGIDKRKLVMNGR
VDIALFSTIHRVQLPSGSFSPKQIRARFPHLHIGRSVHSLEEAVQAEKEDADYVLFGHVFETDCKKGLEGRGVSLLSDIK
QRISIPVIAIGGMTPDRLRDVKQAGADGIAVMSGIFSSAEPLEAARRYSRKLKEMRYEKAL
;
_entity_poly.pdbx_strand_id   A,B,C,D
#
loop_
_chem_comp.id
_chem_comp.type
_chem_comp.name
_chem_comp.formula
144 non-polymer TRIS-HYDROXYMETHYL-METHYL-AMMONIUM 'C4 H12 N O3 1'
SO4 non-polymer 'SULFATE ION' 'O4 S -2'
#
# COMPACT_ATOMS: atom_id res chain seq x y z
N MET A 17 -20.83 24.54 19.17
CA MET A 17 -20.20 25.41 18.13
C MET A 17 -18.68 25.29 18.09
N GLU A 18 -18.15 24.99 16.92
CA GLU A 18 -16.72 24.85 16.75
C GLU A 18 -16.06 26.22 16.61
N LEU A 19 -14.77 26.27 16.94
CA LEU A 19 -13.99 27.49 16.81
C LEU A 19 -12.80 27.17 15.90
N HIS A 20 -12.75 27.82 14.74
CA HIS A 20 -11.67 27.59 13.79
C HIS A 20 -10.74 28.80 13.74
N ALA A 21 -9.44 28.56 13.95
CA ALA A 21 -8.45 29.64 13.88
C ALA A 21 -7.82 29.53 12.51
N ILE A 22 -7.77 30.65 11.78
CA ILE A 22 -7.22 30.72 10.43
C ILE A 22 -5.91 31.50 10.45
N THR A 23 -4.80 30.92 9.96
CA THR A 23 -3.52 31.63 9.94
C THR A 23 -3.64 32.89 9.06
N ASP A 24 -2.77 33.87 9.29
CA ASP A 24 -2.86 35.15 8.59
C ASP A 24 -1.94 35.47 7.41
N ASP A 25 -1.13 34.51 6.97
CA ASP A 25 -0.25 34.71 5.81
C ASP A 25 0.53 36.01 5.89
N SER A 26 1.25 36.23 6.99
CA SER A 26 2.03 37.46 7.12
C SER A 26 3.19 37.36 8.10
N LYS A 27 3.38 36.19 8.71
CA LYS A 27 4.46 35.99 9.67
C LYS A 27 5.47 34.93 9.22
N PRO A 28 6.71 35.00 9.72
CA PRO A 28 7.73 34.01 9.36
C PRO A 28 7.27 32.69 9.95
N VAL A 29 7.65 31.57 9.32
CA VAL A 29 7.23 30.26 9.80
C VAL A 29 7.59 29.98 11.25
N GLU A 30 8.76 30.44 11.68
CA GLU A 30 9.18 30.24 13.07
C GLU A 30 8.17 30.83 14.04
N GLU A 31 7.84 32.10 13.83
CA GLU A 31 6.88 32.80 14.68
C GLU A 31 5.48 32.19 14.56
N LEU A 32 5.05 31.91 13.34
CA LEU A 32 3.73 31.33 13.12
C LEU A 32 3.62 29.98 13.83
N ALA A 33 4.65 29.15 13.72
CA ALA A 33 4.66 27.84 14.36
C ALA A 33 4.42 28.00 15.87
N ARG A 34 5.14 28.94 16.48
CA ARG A 34 5.01 29.18 17.91
C ARG A 34 3.56 29.50 18.29
N ILE A 35 2.95 30.43 17.57
CA ILE A 35 1.58 30.81 17.85
C ILE A 35 0.63 29.62 17.71
N ILE A 36 0.78 28.86 16.63
CA ILE A 36 -0.08 27.71 16.41
C ILE A 36 -0.03 26.73 17.59
N ILE A 37 1.18 26.46 18.08
CA ILE A 37 1.36 25.54 19.21
C ILE A 37 0.67 26.09 20.46
N THR A 38 0.86 27.38 20.70
CA THR A 38 0.28 28.03 21.86
C THR A 38 -1.26 28.04 21.95
N ILE A 39 -1.94 28.21 20.82
CA ILE A 39 -3.41 28.27 20.84
C ILE A 39 -4.14 26.97 20.56
N GLN A 40 -3.40 25.91 20.25
CA GLN A 40 -4.04 24.64 19.89
C GLN A 40 -5.14 24.12 20.82
N ASN A 41 -4.95 24.27 22.13
CA ASN A 41 -5.91 23.77 23.09
C ASN A 41 -7.11 24.68 23.33
N GLU A 42 -7.14 25.82 22.66
CA GLU A 42 -8.23 26.76 22.83
C GLU A 42 -9.17 26.74 21.62
N VAL A 43 -8.78 26.04 20.57
CA VAL A 43 -9.60 25.97 19.36
C VAL A 43 -9.85 24.52 18.93
N ASP A 44 -10.78 24.34 18.01
CA ASP A 44 -11.10 22.99 17.51
C ASP A 44 -10.30 22.67 16.27
N PHE A 45 -10.09 23.66 15.41
CA PHE A 45 -9.33 23.48 14.18
C PHE A 45 -8.44 24.67 13.88
N ILE A 46 -7.38 24.42 13.13
CA ILE A 46 -6.46 25.46 12.74
C ILE A 46 -6.25 25.34 11.24
N HIS A 47 -6.64 26.36 10.50
CA HIS A 47 -6.49 26.33 9.05
C HIS A 47 -5.19 26.99 8.63
N ILE A 48 -4.36 26.27 7.90
CA ILE A 48 -3.11 26.82 7.41
C ILE A 48 -3.48 27.52 6.09
N ARG A 49 -3.49 28.84 6.11
CA ARG A 49 -3.82 29.63 4.94
C ARG A 49 -2.70 30.62 4.63
N GLU A 50 -1.52 30.08 4.35
CA GLU A 50 -0.36 30.91 4.03
C GLU A 50 -0.23 30.96 2.51
N ARG A 51 -1.25 31.55 1.91
CA ARG A 51 -1.37 31.69 0.47
C ARG A 51 -0.15 32.25 -0.24
N SER A 52 0.62 33.12 0.42
CA SER A 52 1.78 33.70 -0.23
C SER A 52 3.10 32.99 0.06
N LYS A 53 3.04 31.86 0.76
CA LYS A 53 4.26 31.12 1.06
C LYS A 53 4.37 29.93 0.10
N SER A 54 5.61 29.52 -0.19
CA SER A 54 5.85 28.38 -1.08
C SER A 54 5.56 27.06 -0.37
N ALA A 55 5.42 26.00 -1.14
CA ALA A 55 5.15 24.69 -0.57
C ALA A 55 6.29 24.33 0.36
N ALA A 56 7.52 24.62 -0.07
CA ALA A 56 8.71 24.33 0.73
C ALA A 56 8.63 25.01 2.10
N ASP A 57 8.17 26.26 2.12
CA ASP A 57 8.06 26.98 3.38
C ASP A 57 6.94 26.43 4.26
N ILE A 58 5.81 26.10 3.63
CA ILE A 58 4.69 25.57 4.37
C ILE A 58 5.06 24.21 4.96
N LEU A 59 5.81 23.42 4.21
CA LEU A 59 6.24 22.11 4.69
C LEU A 59 7.20 22.30 5.86
N LYS A 60 7.97 23.38 5.81
CA LYS A 60 8.91 23.71 6.89
C LYS A 60 8.09 24.07 8.12
N LEU A 61 7.01 24.83 7.89
CA LEU A 61 6.12 25.22 8.98
C LEU A 61 5.52 23.98 9.62
N LEU A 62 4.99 23.09 8.80
CA LEU A 62 4.37 21.86 9.30
C LEU A 62 5.37 21.03 10.10
N ASP A 63 6.62 20.98 9.63
CA ASP A 63 7.65 20.22 10.34
C ASP A 63 7.82 20.81 11.74
N LEU A 64 7.86 22.14 11.82
CA LEU A 64 8.02 22.83 13.10
C LEU A 64 6.86 22.55 14.06
N ILE A 65 5.62 22.63 13.59
CA ILE A 65 4.51 22.38 14.50
C ILE A 65 4.43 20.91 14.88
N PHE A 66 4.78 20.02 13.94
CA PHE A 66 4.75 18.58 14.24
C PHE A 66 5.78 18.27 15.32
N GLU A 67 6.96 18.86 15.20
CA GLU A 67 8.02 18.64 16.18
C GLU A 67 7.71 19.39 17.47
N GLY A 68 6.81 20.37 17.37
CA GLY A 68 6.42 21.15 18.53
C GLY A 68 5.34 20.42 19.30
N GLY A 69 4.91 19.28 18.77
CA GLY A 69 3.88 18.48 19.43
C GLY A 69 2.47 18.97 19.25
N ILE A 70 2.03 19.14 18.00
CA ILE A 70 0.68 19.60 17.73
C ILE A 70 -0.22 18.39 17.47
N ASP A 71 -1.51 18.56 17.69
CA ASP A 71 -2.48 17.49 17.44
C ASP A 71 -2.85 17.64 15.96
N LYS A 72 -2.29 16.78 15.12
CA LYS A 72 -2.54 16.83 13.68
C LYS A 72 -4.01 16.76 13.28
N ARG A 73 -4.83 16.18 14.13
CA ARG A 73 -6.26 16.04 13.82
C ARG A 73 -6.96 17.38 13.73
N LYS A 74 -6.33 18.42 14.28
CA LYS A 74 -6.91 19.76 14.27
C LYS A 74 -6.54 20.59 13.04
N LEU A 75 -5.55 20.12 12.28
CA LEU A 75 -5.08 20.83 11.10
C LEU A 75 -5.96 20.73 9.87
N VAL A 76 -6.18 21.88 9.23
CA VAL A 76 -6.94 21.97 8.01
C VAL A 76 -6.07 22.74 7.03
N MET A 77 -5.83 22.17 5.86
CA MET A 77 -5.01 22.85 4.86
C MET A 77 -5.91 23.61 3.91
N ASN A 78 -5.66 24.92 3.79
CA ASN A 78 -6.46 25.72 2.89
C ASN A 78 -5.79 25.76 1.52
N GLY A 79 -6.56 25.46 0.48
CA GLY A 79 -6.03 25.52 -0.88
C GLY A 79 -5.08 24.46 -1.39
N ARG A 80 -4.01 24.20 -0.66
CA ARG A 80 -3.00 23.22 -1.07
C ARG A 80 -3.39 21.78 -0.74
N VAL A 81 -4.16 21.16 -1.64
CA VAL A 81 -4.62 19.79 -1.46
C VAL A 81 -3.42 18.85 -1.51
N ASP A 82 -2.44 19.17 -2.35
CA ASP A 82 -1.24 18.35 -2.46
C ASP A 82 -0.47 18.33 -1.13
N ILE A 83 -0.28 19.49 -0.51
CA ILE A 83 0.43 19.55 0.77
C ILE A 83 -0.28 18.71 1.84
N ALA A 84 -1.60 18.81 1.88
CA ALA A 84 -2.39 18.06 2.84
C ALA A 84 -2.15 16.56 2.66
N LEU A 85 -2.35 16.09 1.43
CA LEU A 85 -2.16 14.68 1.13
C LEU A 85 -0.80 14.13 1.54
N PHE A 86 0.26 14.87 1.25
CA PHE A 86 1.61 14.41 1.58
C PHE A 86 2.06 14.75 2.98
N SER A 87 1.15 15.29 3.79
CA SER A 87 1.46 15.65 5.18
C SER A 87 0.53 14.90 6.12
N THR A 88 -0.19 13.92 5.61
CA THR A 88 -1.10 13.12 6.43
C THR A 88 -2.20 13.98 7.05
N ILE A 89 -2.59 15.04 6.35
CA ILE A 89 -3.67 15.91 6.82
C ILE A 89 -4.92 15.55 6.02
N HIS A 90 -5.98 15.16 6.72
CA HIS A 90 -7.22 14.72 6.10
C HIS A 90 -8.27 15.80 5.84
N ARG A 91 -8.01 17.04 6.25
CA ARG A 91 -8.98 18.11 6.08
C ARG A 91 -8.47 19.22 5.16
N VAL A 92 -9.28 19.58 4.17
CA VAL A 92 -8.92 20.66 3.25
C VAL A 92 -10.05 21.67 3.18
N GLN A 93 -9.69 22.92 2.92
CA GLN A 93 -10.65 24.02 2.79
C GLN A 93 -10.42 24.54 1.38
N LEU A 94 -11.47 24.47 0.54
CA LEU A 94 -11.36 24.88 -0.85
C LEU A 94 -11.88 26.27 -1.18
N PRO A 95 -10.97 27.14 -1.64
CA PRO A 95 -11.33 28.52 -2.01
C PRO A 95 -12.33 28.52 -3.16
N SER A 96 -13.10 29.60 -3.24
CA SER A 96 -14.08 29.77 -4.30
C SER A 96 -13.33 29.87 -5.64
N GLY A 97 -13.77 29.11 -6.63
CA GLY A 97 -13.13 29.14 -7.93
C GLY A 97 -12.08 28.07 -8.11
N SER A 98 -11.75 27.35 -7.04
CA SER A 98 -10.75 26.29 -7.14
C SER A 98 -11.43 24.95 -7.40
N PHE A 99 -10.76 23.85 -7.06
CA PHE A 99 -11.27 22.50 -7.27
C PHE A 99 -12.67 22.26 -6.70
N SER A 100 -13.46 21.45 -7.39
CA SER A 100 -14.79 21.14 -6.89
C SER A 100 -14.63 19.98 -5.91
N PRO A 101 -15.51 19.88 -4.91
CA PRO A 101 -15.41 18.80 -3.93
C PRO A 101 -15.58 17.43 -4.59
N LYS A 102 -16.31 17.39 -5.71
CA LYS A 102 -16.53 16.13 -6.43
C LYS A 102 -15.23 15.57 -7.01
N GLN A 103 -14.42 16.44 -7.62
CA GLN A 103 -13.14 16.03 -8.20
C GLN A 103 -12.23 15.48 -7.11
N ILE A 104 -12.19 16.20 -6.00
CA ILE A 104 -11.36 15.81 -4.88
C ILE A 104 -11.77 14.47 -4.27
N ARG A 105 -13.06 14.30 -4.01
CA ARG A 105 -13.53 13.06 -3.42
C ARG A 105 -13.36 11.88 -4.38
N ALA A 106 -13.32 12.16 -5.67
CA ALA A 106 -13.15 11.11 -6.66
C ALA A 106 -11.76 10.50 -6.56
N ARG A 107 -10.76 11.32 -6.23
CA ARG A 107 -9.39 10.84 -6.13
C ARG A 107 -8.93 10.61 -4.70
N PHE A 108 -9.43 11.43 -3.78
CA PHE A 108 -9.05 11.34 -2.38
C PHE A 108 -10.29 11.27 -1.48
N PRO A 109 -11.03 10.16 -1.56
CA PRO A 109 -12.26 9.87 -0.80
C PRO A 109 -12.18 10.05 0.71
N HIS A 110 -10.98 9.92 1.28
CA HIS A 110 -10.80 10.04 2.72
C HIS A 110 -10.76 11.47 3.24
N LEU A 111 -10.62 12.45 2.36
CA LEU A 111 -10.55 13.83 2.81
C LEU A 111 -11.89 14.42 3.25
N HIS A 112 -11.86 15.24 4.30
CA HIS A 112 -13.07 15.91 4.77
C HIS A 112 -12.94 17.26 4.03
N ILE A 113 -13.97 17.58 3.24
CA ILE A 113 -13.92 18.77 2.40
C ILE A 113 -14.79 19.96 2.79
N GLY A 114 -14.14 21.11 2.96
CA GLY A 114 -14.86 22.33 3.28
C GLY A 114 -14.79 23.25 2.06
N ARG A 115 -15.85 24.02 1.82
CA ARG A 115 -15.86 24.96 0.69
C ARG A 115 -16.09 26.36 1.22
N SER A 116 -15.29 27.31 0.74
CA SER A 116 -15.43 28.70 1.16
C SER A 116 -16.42 29.34 0.20
N VAL A 117 -17.58 29.73 0.72
CA VAL A 117 -18.64 30.33 -0.08
C VAL A 117 -18.90 31.77 0.35
N HIS A 118 -19.39 32.59 -0.58
CA HIS A 118 -19.63 33.99 -0.28
C HIS A 118 -21.03 34.47 -0.61
N SER A 119 -21.90 33.54 -0.96
CA SER A 119 -23.28 33.88 -1.31
C SER A 119 -24.15 32.68 -1.01
N LEU A 120 -25.46 32.91 -0.95
CA LEU A 120 -26.41 31.83 -0.69
C LEU A 120 -26.33 30.83 -1.82
N GLU A 121 -26.31 31.32 -3.05
CA GLU A 121 -26.26 30.47 -4.23
C GLU A 121 -25.01 29.58 -4.22
N GLU A 122 -23.86 30.16 -3.88
CA GLU A 122 -22.63 29.40 -3.86
C GLU A 122 -22.69 28.32 -2.77
N ALA A 123 -23.36 28.64 -1.66
CA ALA A 123 -23.50 27.68 -0.57
C ALA A 123 -24.32 26.48 -1.02
N VAL A 124 -25.43 26.74 -1.70
CA VAL A 124 -26.29 25.69 -2.20
C VAL A 124 -25.55 24.80 -3.20
N GLN A 125 -24.83 25.42 -4.12
CA GLN A 125 -24.08 24.68 -5.13
C GLN A 125 -23.00 23.83 -4.45
N ALA A 126 -22.38 24.39 -3.41
CA ALA A 126 -21.34 23.68 -2.68
C ALA A 126 -21.90 22.38 -2.11
N GLU A 127 -23.12 22.43 -1.57
CA GLU A 127 -23.74 21.22 -1.03
C GLU A 127 -24.02 20.22 -2.15
N LYS A 128 -24.51 20.71 -3.27
CA LYS A 128 -24.80 19.82 -4.40
C LYS A 128 -23.51 19.16 -4.89
N GLU A 129 -22.41 19.91 -4.85
CA GLU A 129 -21.13 19.38 -5.30
C GLU A 129 -20.44 18.48 -4.28
N ASP A 130 -21.20 18.09 -3.26
CA ASP A 130 -20.74 17.18 -2.22
C ASP A 130 -19.74 17.64 -1.16
N ALA A 131 -19.73 18.94 -0.85
CA ALA A 131 -18.83 19.45 0.18
C ALA A 131 -19.36 18.92 1.53
N ASP A 132 -18.47 18.74 2.50
CA ASP A 132 -18.86 18.26 3.81
C ASP A 132 -19.38 19.39 4.69
N TYR A 133 -18.94 20.61 4.40
CA TYR A 133 -19.37 21.78 5.16
C TYR A 133 -18.92 23.02 4.41
N VAL A 134 -19.44 24.18 4.81
CA VAL A 134 -19.02 25.41 4.17
C VAL A 134 -18.58 26.43 5.20
N LEU A 135 -17.73 27.34 4.73
CA LEU A 135 -17.22 28.44 5.53
C LEU A 135 -17.85 29.62 4.81
N PHE A 136 -18.92 30.17 5.38
CA PHE A 136 -19.60 31.30 4.79
C PHE A 136 -18.97 32.55 5.37
N GLY A 137 -18.42 33.40 4.52
CA GLY A 137 -17.71 34.54 5.04
C GLY A 137 -18.01 36.00 4.79
N HIS A 138 -17.52 36.78 5.75
CA HIS A 138 -17.68 38.21 5.78
C HIS A 138 -19.11 38.48 6.12
N VAL A 139 -19.47 38.02 7.31
CA VAL A 139 -20.81 38.21 7.86
C VAL A 139 -20.81 39.65 8.38
N PHE A 140 -19.64 40.09 8.84
CA PHE A 140 -19.47 41.45 9.37
C PHE A 140 -18.38 42.18 8.60
N ARG A 151 -26.85 42.39 7.13
CA ARG A 151 -27.20 41.55 6.00
C ARG A 151 -26.43 40.23 6.02
N GLY A 152 -25.28 40.25 6.67
CA GLY A 152 -24.47 39.05 6.76
C GLY A 152 -25.12 37.97 7.61
N VAL A 153 -25.63 38.35 8.78
CA VAL A 153 -26.29 37.41 9.69
C VAL A 153 -27.61 36.92 9.10
N SER A 154 -28.25 37.79 8.32
CA SER A 154 -29.50 37.45 7.65
C SER A 154 -29.19 36.37 6.62
N LEU A 155 -28.12 36.59 5.85
CA LEU A 155 -27.71 35.63 4.83
C LEU A 155 -27.37 34.30 5.48
N LEU A 156 -26.70 34.37 6.62
CA LEU A 156 -26.32 33.18 7.37
C LEU A 156 -27.57 32.38 7.73
N SER A 157 -28.54 33.07 8.33
CA SER A 157 -29.80 32.47 8.74
C SER A 157 -30.51 31.83 7.54
N ASP A 158 -30.49 32.52 6.40
CA ASP A 158 -31.12 32.05 5.17
C ASP A 158 -30.43 30.76 4.73
N ILE A 159 -29.10 30.80 4.68
CA ILE A 159 -28.31 29.64 4.28
C ILE A 159 -28.56 28.44 5.19
N LYS A 160 -28.69 28.69 6.49
CA LYS A 160 -28.93 27.61 7.44
C LYS A 160 -30.26 26.90 7.24
N GLN A 161 -31.09 27.42 6.35
CA GLN A 161 -32.38 26.79 6.06
C GLN A 161 -32.34 26.16 4.67
N ARG A 162 -31.38 26.60 3.85
CA ARG A 162 -31.25 26.11 2.48
C ARG A 162 -30.43 24.83 2.34
N ILE A 163 -29.37 24.70 3.14
CA ILE A 163 -28.51 23.53 3.08
C ILE A 163 -28.53 22.79 4.41
N SER A 164 -28.22 21.50 4.38
CA SER A 164 -28.23 20.69 5.59
C SER A 164 -26.83 20.38 6.12
N ILE A 165 -25.79 20.77 5.39
CA ILE A 165 -24.43 20.54 5.87
C ILE A 165 -24.04 21.70 6.77
N PRO A 166 -23.09 21.47 7.69
CA PRO A 166 -22.63 22.52 8.63
C PRO A 166 -22.14 23.82 7.99
N VAL A 167 -22.38 24.92 8.68
CA VAL A 167 -21.98 26.24 8.22
C VAL A 167 -21.09 26.95 9.27
N ILE A 168 -19.86 27.25 8.89
CA ILE A 168 -18.93 27.93 9.78
C ILE A 168 -18.92 29.40 9.33
N ALA A 169 -19.27 30.30 10.24
CA ALA A 169 -19.31 31.72 9.91
C ALA A 169 -17.98 32.40 10.11
N ILE A 170 -17.57 33.22 9.14
CA ILE A 170 -16.30 33.92 9.23
C ILE A 170 -16.47 35.35 8.74
N GLY A 171 -15.58 36.22 9.21
CA GLY A 171 -15.63 37.62 8.80
C GLY A 171 -15.99 38.57 9.92
N GLY A 172 -14.98 39.11 10.59
CA GLY A 172 -15.22 40.05 11.67
C GLY A 172 -15.84 39.47 12.92
N MET A 173 -15.61 38.18 13.17
CA MET A 173 -16.16 37.54 14.36
C MET A 173 -15.50 38.13 15.59
N THR A 174 -16.30 38.42 16.61
CA THR A 174 -15.81 38.96 17.88
C THR A 174 -16.67 38.33 18.96
N PRO A 175 -16.16 38.27 20.20
CA PRO A 175 -16.95 37.66 21.27
C PRO A 175 -18.33 38.29 21.44
N ASP A 176 -18.40 39.62 21.29
CA ASP A 176 -19.66 40.34 21.44
C ASP A 176 -20.70 39.99 20.38
N ARG A 177 -20.24 39.48 19.24
CA ARG A 177 -21.13 39.12 18.14
C ARG A 177 -21.49 37.64 18.05
N LEU A 178 -20.85 36.81 18.87
CA LEU A 178 -21.10 35.37 18.82
C LEU A 178 -22.53 34.93 19.10
N ARG A 179 -23.24 35.66 19.97
CA ARG A 179 -24.61 35.30 20.29
C ARG A 179 -25.52 35.37 19.07
N ASP A 180 -25.46 36.48 18.34
CA ASP A 180 -26.29 36.63 17.15
C ASP A 180 -25.95 35.57 16.12
N VAL A 181 -24.66 35.26 16.00
CA VAL A 181 -24.20 34.26 15.04
C VAL A 181 -24.71 32.88 15.41
N LYS A 182 -24.62 32.54 16.68
CA LYS A 182 -25.08 31.25 17.17
C LYS A 182 -26.60 31.11 17.00
N GLN A 183 -27.31 32.16 17.43
CA GLN A 183 -28.78 32.17 17.36
C GLN A 183 -29.27 32.02 15.92
N ALA A 184 -28.48 32.53 14.98
CA ALA A 184 -28.81 32.46 13.56
C ALA A 184 -28.54 31.06 12.99
N GLY A 185 -27.93 30.18 13.77
CA GLY A 185 -27.69 28.82 13.30
C GLY A 185 -26.27 28.40 12.94
N ALA A 186 -25.31 29.30 13.05
CA ALA A 186 -23.92 28.93 12.72
C ALA A 186 -23.49 27.70 13.53
N ASP A 187 -22.81 26.77 12.85
CA ASP A 187 -22.33 25.56 13.50
C ASP A 187 -20.96 25.79 14.11
N GLY A 188 -20.40 26.95 13.82
CA GLY A 188 -19.09 27.32 14.33
C GLY A 188 -18.69 28.66 13.78
N ILE A 189 -17.57 29.19 14.27
CA ILE A 189 -17.08 30.47 13.80
C ILE A 189 -15.60 30.34 13.50
N ALA A 190 -15.14 31.11 12.51
CA ALA A 190 -13.74 31.10 12.14
C ALA A 190 -13.20 32.47 12.47
N VAL A 191 -11.95 32.52 12.93
CA VAL A 191 -11.31 33.78 13.27
C VAL A 191 -9.89 33.83 12.74
N MET A 192 -9.57 34.90 12.03
CA MET A 192 -8.22 35.05 11.51
C MET A 192 -7.48 36.13 12.30
N SER A 193 -7.64 37.39 11.92
CA SER A 193 -6.94 38.49 12.59
C SER A 193 -7.30 38.61 14.07
N GLY A 194 -8.56 38.35 14.41
CA GLY A 194 -8.98 38.43 15.80
C GLY A 194 -8.11 37.61 16.73
N ILE A 195 -7.36 36.65 16.17
CA ILE A 195 -6.46 35.83 16.97
C ILE A 195 -5.00 36.05 16.60
N PHE A 196 -4.68 35.87 15.33
CA PHE A 196 -3.30 36.00 14.86
C PHE A 196 -2.71 37.41 14.80
N SER A 197 -3.56 38.44 14.77
CA SER A 197 -3.06 39.81 14.75
C SER A 197 -2.99 40.36 16.17
N SER A 198 -3.47 39.57 17.12
CA SER A 198 -3.47 39.96 18.53
C SER A 198 -2.06 39.93 19.13
N ALA A 199 -1.86 40.74 20.16
CA ALA A 199 -0.57 40.79 20.84
C ALA A 199 -0.37 39.51 21.66
N GLU A 200 -1.47 38.93 22.09
CA GLU A 200 -1.45 37.69 22.87
C GLU A 200 -2.48 36.71 22.28
N PRO A 201 -2.11 36.03 21.19
CA PRO A 201 -2.99 35.07 20.51
C PRO A 201 -3.72 34.11 21.44
N LEU A 202 -3.03 33.55 22.42
CA LEU A 202 -3.67 32.62 23.35
C LEU A 202 -4.80 33.31 24.12
N GLU A 203 -4.54 34.50 24.64
CA GLU A 203 -5.57 35.22 25.37
C GLU A 203 -6.73 35.55 24.43
N ALA A 204 -6.41 35.94 23.21
CA ALA A 204 -7.44 36.27 22.23
C ALA A 204 -8.34 35.06 22.01
N ALA A 205 -7.73 33.90 21.74
CA ALA A 205 -8.48 32.68 21.50
C ALA A 205 -9.35 32.33 22.71
N ARG A 206 -8.81 32.55 23.91
CA ARG A 206 -9.54 32.27 25.14
C ARG A 206 -10.85 33.05 25.23
N ARG A 207 -10.84 34.31 24.79
CA ARG A 207 -12.04 35.13 24.84
C ARG A 207 -13.13 34.50 23.99
N TYR A 208 -12.75 33.96 22.83
CA TYR A 208 -13.71 33.31 21.96
C TYR A 208 -14.18 32.00 22.58
N SER A 209 -13.24 31.18 23.03
CA SER A 209 -13.58 29.89 23.64
C SER A 209 -14.42 30.06 24.91
N ARG A 210 -14.05 31.05 25.73
CA ARG A 210 -14.78 31.30 26.97
C ARG A 210 -16.22 31.69 26.63
N LYS A 211 -16.37 32.56 25.63
CA LYS A 211 -17.70 33.01 25.24
C LYS A 211 -18.53 31.84 24.70
N LEU A 212 -17.90 30.97 23.91
CA LEU A 212 -18.60 29.82 23.36
C LEU A 212 -19.02 28.84 24.46
N LYS A 213 -18.16 28.64 25.45
CA LYS A 213 -18.49 27.75 26.56
C LYS A 213 -19.63 28.38 27.35
N GLU A 214 -19.51 29.68 27.57
CA GLU A 214 -20.51 30.45 28.29
C GLU A 214 -21.92 30.23 27.72
N MET A 215 -22.05 30.41 26.41
CA MET A 215 -23.33 30.23 25.76
C MET A 215 -23.78 28.78 25.76
N ARG A 216 -22.82 27.87 25.86
CA ARG A 216 -23.11 26.44 25.86
C ARG A 216 -23.91 26.06 27.12
N MET B 17 18.49 18.64 -28.40
CA MET B 17 18.35 19.52 -27.19
C MET B 17 16.96 20.14 -27.07
N GLU B 18 16.29 19.86 -25.97
CA GLU B 18 14.96 20.37 -25.72
C GLU B 18 14.95 21.84 -25.34
N LEU B 19 13.81 22.48 -25.62
CA LEU B 19 13.62 23.88 -25.28
C LEU B 19 12.38 23.98 -24.41
N HIS B 20 12.57 24.40 -23.17
CA HIS B 20 11.46 24.55 -22.22
C HIS B 20 11.16 26.03 -21.97
N ALA B 21 9.91 26.41 -22.15
CA ALA B 21 9.50 27.79 -21.89
C ALA B 21 8.90 27.80 -20.49
N ILE B 22 9.30 28.78 -19.67
CA ILE B 22 8.84 28.91 -18.28
C ILE B 22 8.04 30.19 -18.13
N THR B 23 6.77 30.09 -17.70
CA THR B 23 5.94 31.31 -17.54
C THR B 23 6.57 32.22 -16.49
N ASP B 24 6.31 33.52 -16.59
CA ASP B 24 6.95 34.50 -15.73
C ASP B 24 6.26 35.10 -14.50
N ASP B 25 5.09 34.58 -14.13
CA ASP B 25 4.40 35.04 -12.95
C ASP B 25 4.28 36.57 -12.84
N SER B 26 3.84 37.22 -13.91
CA SER B 26 3.72 38.67 -13.87
C SER B 26 2.66 39.25 -14.80
N LYS B 27 2.01 38.40 -15.58
CA LYS B 27 0.98 38.87 -16.51
C LYS B 27 -0.41 38.36 -16.17
N PRO B 28 -1.46 39.06 -16.62
CA PRO B 28 -2.83 38.64 -16.34
C PRO B 28 -3.02 37.34 -17.12
N VAL B 29 -3.90 36.47 -16.64
CA VAL B 29 -4.13 35.19 -17.32
C VAL B 29 -4.46 35.30 -18.81
N GLU B 30 -5.29 36.27 -19.18
CA GLU B 30 -5.65 36.44 -20.59
C GLU B 30 -4.44 36.67 -21.48
N GLU B 31 -3.59 37.62 -21.09
CA GLU B 31 -2.39 37.94 -21.86
C GLU B 31 -1.44 36.76 -21.92
N LEU B 32 -1.22 36.12 -20.78
CA LEU B 32 -0.31 34.98 -20.71
C LEU B 32 -0.82 33.83 -21.58
N ALA B 33 -2.13 33.59 -21.55
CA ALA B 33 -2.72 32.52 -22.34
C ALA B 33 -2.43 32.71 -23.84
N ARG B 34 -2.55 33.94 -24.31
CA ARG B 34 -2.31 34.21 -25.72
C ARG B 34 -0.86 33.90 -26.10
N ILE B 35 0.07 34.34 -25.26
CA ILE B 35 1.48 34.09 -25.52
C ILE B 35 1.77 32.60 -25.56
N ILE B 36 1.22 31.86 -24.60
CA ILE B 36 1.42 30.42 -24.55
C ILE B 36 0.93 29.76 -25.85
N ILE B 37 -0.27 30.13 -26.28
CA ILE B 37 -0.83 29.59 -27.52
C ILE B 37 0.04 29.96 -28.71
N THR B 38 0.52 31.20 -28.72
CA THR B 38 1.35 31.70 -29.81
C THR B 38 2.72 31.03 -29.97
N ILE B 39 3.38 30.68 -28.86
CA ILE B 39 4.72 30.08 -28.92
C ILE B 39 4.77 28.55 -28.86
N GLN B 40 3.63 27.89 -28.64
CA GLN B 40 3.59 26.44 -28.49
C GLN B 40 4.32 25.57 -29.52
N ASN B 41 4.38 26.01 -30.76
CA ASN B 41 5.04 25.23 -31.80
C ASN B 41 6.57 25.39 -31.86
N GLU B 42 7.09 26.38 -31.15
CA GLU B 42 8.53 26.64 -31.15
C GLU B 42 9.24 26.02 -29.94
N VAL B 43 8.46 25.44 -29.02
CA VAL B 43 9.04 24.86 -27.83
C VAL B 43 8.59 23.42 -27.61
N ASP B 44 9.34 22.70 -26.79
CA ASP B 44 9.04 21.31 -26.49
C ASP B 44 8.11 21.20 -25.28
N PHE B 45 8.30 22.07 -24.30
CA PHE B 45 7.48 22.07 -23.09
C PHE B 45 7.27 23.49 -22.59
N ILE B 46 6.17 23.68 -21.88
CA ILE B 46 5.84 24.99 -21.31
C ILE B 46 5.52 24.71 -19.85
N HIS B 47 6.32 25.30 -18.96
CA HIS B 47 6.10 25.12 -17.53
C HIS B 47 5.24 26.25 -16.98
N ILE B 48 4.16 25.88 -16.30
CA ILE B 48 3.28 26.86 -15.70
C ILE B 48 3.84 27.17 -14.31
N ARG B 49 4.44 28.34 -14.17
CA ARG B 49 5.04 28.73 -12.89
C ARG B 49 4.52 30.10 -12.43
N GLU B 50 3.20 30.19 -12.22
CA GLU B 50 2.57 31.42 -11.77
C GLU B 50 2.46 31.31 -10.25
N ARG B 51 3.62 31.34 -9.60
CA ARG B 51 3.71 31.20 -8.16
C ARG B 51 2.93 32.21 -7.33
N SER B 52 2.62 33.36 -7.92
CA SER B 52 1.89 34.40 -7.21
C SER B 52 0.39 34.38 -7.49
N LYS B 53 -0.06 33.45 -8.31
CA LYS B 53 -1.47 33.36 -8.62
C LYS B 53 -2.14 32.26 -7.81
N SER B 54 -3.43 32.45 -7.54
CA SER B 54 -4.20 31.46 -6.78
C SER B 54 -4.52 30.29 -7.70
N ALA B 55 -4.92 29.16 -7.11
CA ALA B 55 -5.26 28.00 -7.91
C ALA B 55 -6.44 28.36 -8.82
N ALA B 56 -7.36 29.17 -8.32
CA ALA B 56 -8.52 29.58 -9.10
C ALA B 56 -8.09 30.30 -10.38
N ASP B 57 -7.14 31.22 -10.27
CA ASP B 57 -6.67 31.95 -11.44
C ASP B 57 -5.88 31.05 -12.39
N ILE B 58 -5.11 30.12 -11.83
CA ILE B 58 -4.33 29.20 -12.65
C ILE B 58 -5.29 28.27 -13.41
N LEU B 59 -6.40 27.90 -12.77
CA LEU B 59 -7.39 27.03 -13.42
C LEU B 59 -8.04 27.81 -14.56
N LYS B 60 -8.22 29.12 -14.37
CA LYS B 60 -8.80 29.97 -15.41
C LYS B 60 -7.81 30.01 -16.57
N LEU B 61 -6.53 30.16 -16.24
CA LEU B 61 -5.46 30.19 -17.23
C LEU B 61 -5.47 28.88 -18.04
N LEU B 62 -5.54 27.75 -17.33
CA LEU B 62 -5.54 26.46 -18.02
C LEU B 62 -6.75 26.32 -18.93
N ASP B 63 -7.91 26.72 -18.43
CA ASP B 63 -9.13 26.64 -19.22
C ASP B 63 -8.99 27.46 -20.51
N LEU B 64 -8.39 28.64 -20.41
CA LEU B 64 -8.20 29.48 -21.60
C LEU B 64 -7.30 28.80 -22.63
N ILE B 65 -6.17 28.23 -22.20
CA ILE B 65 -5.29 27.58 -23.16
C ILE B 65 -5.85 26.24 -23.63
N PHE B 66 -6.63 25.57 -22.80
CA PHE B 66 -7.22 24.29 -23.22
C PHE B 66 -8.23 24.61 -24.32
N GLU B 67 -9.03 25.64 -24.11
CA GLU B 67 -10.02 26.03 -25.10
C GLU B 67 -9.35 26.65 -26.32
N GLY B 68 -8.12 27.11 -26.13
CA GLY B 68 -7.36 27.68 -27.23
C GLY B 68 -6.67 26.59 -28.05
N GLY B 69 -6.90 25.34 -27.68
CA GLY B 69 -6.34 24.23 -28.41
C GLY B 69 -4.93 23.74 -28.08
N ILE B 70 -4.35 24.24 -27.00
CA ILE B 70 -3.00 23.83 -26.61
C ILE B 70 -2.87 22.32 -26.50
N ASP B 71 -1.68 21.80 -26.77
CA ASP B 71 -1.42 20.37 -26.64
C ASP B 71 -0.98 20.14 -25.20
N LYS B 72 -1.89 19.61 -24.38
CA LYS B 72 -1.62 19.35 -22.97
C LYS B 72 -0.34 18.56 -22.70
N ARG B 73 0.10 17.77 -23.67
CA ARG B 73 1.30 16.95 -23.52
C ARG B 73 2.57 17.78 -23.36
N LYS B 74 2.52 19.04 -23.75
CA LYS B 74 3.68 19.91 -23.63
C LYS B 74 3.67 20.65 -22.30
N LEU B 75 2.55 20.59 -21.59
CA LEU B 75 2.41 21.30 -20.33
C LEU B 75 3.07 20.63 -19.13
N VAL B 76 3.70 21.45 -18.29
CA VAL B 76 4.37 21.00 -17.09
C VAL B 76 3.94 21.94 -15.99
N MET B 77 3.41 21.38 -14.90
CA MET B 77 2.98 22.21 -13.79
C MET B 77 4.09 22.33 -12.76
N ASN B 78 4.50 23.55 -12.49
CA ASN B 78 5.54 23.75 -11.50
C ASN B 78 4.91 23.87 -10.12
N GLY B 79 5.36 23.04 -9.19
CA GLY B 79 4.88 23.11 -7.82
C GLY B 79 3.51 22.61 -7.43
N ARG B 80 2.47 23.05 -8.15
CA ARG B 80 1.11 22.64 -7.82
C ARG B 80 0.76 21.25 -8.35
N VAL B 81 1.12 20.24 -7.57
CA VAL B 81 0.84 18.87 -7.96
C VAL B 81 -0.67 18.65 -7.99
N ASP B 82 -1.40 19.33 -7.09
CA ASP B 82 -2.84 19.19 -7.06
C ASP B 82 -3.47 19.72 -8.35
N ILE B 83 -3.08 20.92 -8.78
CA ILE B 83 -3.62 21.47 -10.01
C ILE B 83 -3.32 20.52 -11.18
N ALA B 84 -2.12 19.96 -11.22
CA ALA B 84 -1.75 19.04 -12.29
C ALA B 84 -2.70 17.83 -12.32
N LEU B 85 -2.93 17.23 -11.17
CA LEU B 85 -3.81 16.06 -11.07
C LEU B 85 -5.24 16.33 -11.51
N PHE B 86 -5.78 17.48 -11.10
CA PHE B 86 -7.15 17.83 -11.46
C PHE B 86 -7.29 18.49 -12.83
N SER B 87 -6.18 18.66 -13.53
CA SER B 87 -6.19 19.30 -14.85
C SER B 87 -5.74 18.31 -15.92
N THR B 88 -5.49 17.07 -15.52
CA THR B 88 -5.05 16.04 -16.44
C THR B 88 -3.68 16.37 -17.05
N ILE B 89 -2.84 17.03 -16.27
CA ILE B 89 -1.48 17.37 -16.72
C ILE B 89 -0.62 16.34 -15.99
N HIS B 90 0.07 15.49 -16.76
CA HIS B 90 0.88 14.44 -16.17
C HIS B 90 2.36 14.75 -15.97
N ARG B 91 2.72 16.02 -16.03
CA ARG B 91 4.11 16.42 -15.83
C ARG B 91 4.18 17.49 -14.75
N VAL B 92 5.05 17.29 -13.77
CA VAL B 92 5.21 18.24 -12.68
C VAL B 92 6.69 18.56 -12.45
N GLN B 93 6.95 19.79 -12.05
CA GLN B 93 8.31 20.26 -11.77
C GLN B 93 8.28 20.57 -10.27
N LEU B 94 9.06 19.82 -9.49
CA LEU B 94 9.11 19.98 -8.04
C LEU B 94 10.27 20.89 -7.57
N PRO B 95 9.94 22.00 -6.90
CA PRO B 95 10.99 22.91 -6.43
C PRO B 95 11.80 22.31 -5.29
N SER B 96 13.03 22.79 -5.13
CA SER B 96 13.92 22.32 -4.08
C SER B 96 13.26 22.59 -2.72
N GLY B 97 13.22 21.55 -1.88
CA GLY B 97 12.61 21.72 -0.57
C GLY B 97 11.15 21.35 -0.49
N SER B 98 10.54 21.06 -1.65
CA SER B 98 9.14 20.67 -1.67
C SER B 98 9.02 19.15 -1.63
N PHE B 99 7.95 18.62 -2.22
CA PHE B 99 7.70 17.19 -2.23
C PHE B 99 8.85 16.37 -2.80
N SER B 100 9.08 15.20 -2.23
CA SER B 100 10.13 14.32 -2.72
C SER B 100 9.53 13.52 -3.87
N PRO B 101 10.33 13.21 -4.90
CA PRO B 101 9.82 12.45 -6.03
C PRO B 101 9.26 11.10 -5.61
N LYS B 102 9.93 10.46 -4.66
CA LYS B 102 9.51 9.16 -4.18
C LYS B 102 8.08 9.13 -3.66
N GLN B 103 7.72 10.08 -2.79
CA GLN B 103 6.37 10.09 -2.25
C GLN B 103 5.34 10.39 -3.32
N ILE B 104 5.70 11.23 -4.29
CA ILE B 104 4.80 11.57 -5.38
C ILE B 104 4.56 10.35 -6.26
N ARG B 105 5.66 9.69 -6.66
CA ARG B 105 5.55 8.52 -7.52
C ARG B 105 4.79 7.36 -6.85
N ALA B 106 4.90 7.26 -5.53
CA ALA B 106 4.21 6.19 -4.80
C ALA B 106 2.70 6.27 -4.99
N ARG B 107 2.16 7.48 -4.95
CA ARG B 107 0.73 7.72 -5.12
C ARG B 107 0.34 7.88 -6.58
N PHE B 108 1.15 8.63 -7.32
CA PHE B 108 0.86 8.90 -8.72
C PHE B 108 1.99 8.43 -9.64
N PRO B 109 2.04 7.11 -9.91
CA PRO B 109 3.05 6.49 -10.77
C PRO B 109 3.10 7.05 -12.20
N HIS B 110 1.96 7.48 -12.70
CA HIS B 110 1.89 8.00 -14.07
C HIS B 110 2.62 9.32 -14.32
N LEU B 111 2.86 10.10 -13.26
CA LEU B 111 3.51 11.40 -13.42
C LEU B 111 4.97 11.40 -13.85
N HIS B 112 5.31 12.31 -14.75
CA HIS B 112 6.69 12.46 -15.20
C HIS B 112 7.17 13.52 -14.20
N ILE B 113 8.22 13.20 -13.44
CA ILE B 113 8.71 14.09 -12.40
C ILE B 113 10.05 14.80 -12.61
N GLY B 114 10.01 16.13 -12.61
CA GLY B 114 11.22 16.90 -12.74
C GLY B 114 11.56 17.49 -11.39
N ARG B 115 12.84 17.60 -11.09
CA ARG B 115 13.29 18.18 -9.82
C ARG B 115 14.22 19.35 -10.11
N SER B 116 13.96 20.45 -9.41
CA SER B 116 14.79 21.63 -9.58
C SER B 116 15.94 21.51 -8.56
N VAL B 117 17.14 21.37 -9.08
CA VAL B 117 18.31 21.21 -8.24
C VAL B 117 19.28 22.37 -8.39
N HIS B 118 20.08 22.60 -7.36
CA HIS B 118 21.01 23.72 -7.38
C HIS B 118 22.44 23.34 -6.95
N SER B 119 22.75 22.04 -6.99
CA SER B 119 24.08 21.58 -6.64
C SER B 119 24.30 20.17 -7.16
N LEU B 120 25.55 19.74 -7.19
CA LEU B 120 25.88 18.41 -7.66
C LEU B 120 25.21 17.39 -6.75
N GLU B 121 25.30 17.65 -5.44
CA GLU B 121 24.73 16.77 -4.43
C GLU B 121 23.22 16.59 -4.59
N GLU B 122 22.51 17.71 -4.73
CA GLU B 122 21.06 17.65 -4.89
C GLU B 122 20.66 16.92 -6.17
N ALA B 123 21.44 17.08 -7.22
CA ALA B 123 21.14 16.41 -8.49
C ALA B 123 21.24 14.89 -8.35
N VAL B 124 22.30 14.43 -7.69
CA VAL B 124 22.51 13.00 -7.48
C VAL B 124 21.39 12.40 -6.63
N GLN B 125 21.04 13.10 -5.56
CA GLN B 125 19.99 12.64 -4.66
C GLN B 125 18.65 12.60 -5.40
N ALA B 126 18.43 13.58 -6.28
CA ALA B 126 17.19 13.62 -7.04
C ALA B 126 17.08 12.35 -7.88
N GLU B 127 18.21 11.91 -8.44
CA GLU B 127 18.22 10.71 -9.25
C GLU B 127 17.88 9.51 -8.38
N LYS B 128 18.44 9.48 -7.17
CA LYS B 128 18.20 8.40 -6.24
C LYS B 128 16.74 8.32 -5.80
N GLU B 129 16.08 9.47 -5.72
CA GLU B 129 14.68 9.52 -5.31
C GLU B 129 13.72 9.27 -6.47
N ASP B 130 14.28 8.75 -7.55
CA ASP B 130 13.54 8.39 -8.76
C ASP B 130 12.94 9.52 -9.61
N ALA B 131 13.60 10.67 -9.65
CA ALA B 131 13.12 11.78 -10.48
C ALA B 131 13.40 11.37 -11.93
N ASP B 132 12.60 11.88 -12.87
CA ASP B 132 12.80 11.54 -14.28
C ASP B 132 13.86 12.41 -14.93
N TYR B 133 14.08 13.60 -14.37
CA TYR B 133 15.06 14.53 -14.89
C TYR B 133 15.23 15.68 -13.92
N VAL B 134 16.28 16.46 -14.10
CA VAL B 134 16.54 17.59 -13.23
C VAL B 134 16.58 18.87 -14.03
N LEU B 135 16.12 19.94 -13.39
CA LEU B 135 16.13 21.28 -13.99
C LEU B 135 17.22 21.91 -13.14
N PHE B 136 18.39 22.06 -13.70
CA PHE B 136 19.49 22.58 -12.92
C PHE B 136 19.92 23.99 -13.20
N GLY B 137 20.15 24.73 -12.13
CA GLY B 137 20.67 26.03 -12.42
C GLY B 137 20.55 27.36 -11.75
N HIS B 138 20.56 28.25 -12.72
CA HIS B 138 20.58 29.67 -12.68
C HIS B 138 22.07 29.65 -12.93
N VAL B 139 22.37 29.05 -14.08
CA VAL B 139 23.71 28.87 -14.58
C VAL B 139 24.39 30.22 -14.77
N PHE B 140 23.64 31.18 -15.31
CA PHE B 140 24.18 32.51 -15.55
C PHE B 140 23.52 33.54 -14.66
N LEU B 148 24.96 30.00 -7.41
CA LEU B 148 25.84 28.88 -7.74
C LEU B 148 27.32 29.28 -7.73
N GLU B 149 27.58 30.54 -7.42
CA GLU B 149 28.93 31.08 -7.35
C GLU B 149 29.71 30.88 -8.65
N GLY B 150 29.07 31.16 -9.78
CA GLY B 150 29.70 31.02 -11.08
C GLY B 150 30.04 29.60 -11.48
N ARG B 151 29.63 28.63 -10.68
CA ARG B 151 29.91 27.22 -10.95
C ARG B 151 28.92 26.55 -11.89
N GLY B 152 27.95 27.33 -12.35
CA GLY B 152 26.91 26.82 -13.23
C GLY B 152 27.32 25.93 -14.40
N VAL B 153 28.09 26.46 -15.33
CA VAL B 153 28.49 25.67 -16.49
C VAL B 153 29.38 24.48 -16.15
N SER B 154 30.28 24.65 -15.19
CA SER B 154 31.15 23.54 -14.79
C SER B 154 30.32 22.46 -14.11
N LEU B 155 29.44 22.88 -13.21
CA LEU B 155 28.58 21.93 -12.49
C LEU B 155 27.70 21.18 -13.46
N LEU B 156 27.31 21.87 -14.53
CA LEU B 156 26.46 21.29 -15.56
C LEU B 156 27.16 20.03 -16.06
N SER B 157 28.44 20.14 -16.40
CA SER B 157 29.23 19.01 -16.87
C SER B 157 29.39 17.97 -15.77
N ASP B 158 29.68 18.42 -14.55
CA ASP B 158 29.85 17.51 -13.43
C ASP B 158 28.59 16.67 -13.17
N ILE B 159 27.43 17.30 -13.31
CA ILE B 159 26.17 16.59 -13.09
C ILE B 159 25.93 15.56 -14.19
N LYS B 160 26.12 15.96 -15.44
CA LYS B 160 25.92 15.05 -16.56
C LYS B 160 26.81 13.82 -16.48
N GLN B 161 27.97 13.98 -15.86
CA GLN B 161 28.92 12.88 -15.71
C GLN B 161 28.55 11.96 -14.55
N ARG B 162 27.85 12.51 -13.56
CA ARG B 162 27.46 11.74 -12.38
C ARG B 162 26.09 11.07 -12.44
N ILE B 163 25.13 11.68 -13.12
CA ILE B 163 23.80 11.09 -13.21
C ILE B 163 23.44 10.69 -14.64
N SER B 164 22.45 9.80 -14.76
CA SER B 164 22.02 9.30 -16.06
C SER B 164 20.71 9.87 -16.59
N ILE B 165 19.97 10.58 -15.74
CA ILE B 165 18.71 11.17 -16.19
C ILE B 165 19.01 12.52 -16.85
N PRO B 166 18.10 12.99 -17.71
CA PRO B 166 18.28 14.27 -18.41
C PRO B 166 18.52 15.48 -17.51
N VAL B 167 19.34 16.40 -18.00
CA VAL B 167 19.67 17.63 -17.28
C VAL B 167 19.27 18.82 -18.14
N ILE B 168 18.32 19.61 -17.65
CA ILE B 168 17.86 20.79 -18.39
C ILE B 168 18.45 22.01 -17.70
N ALA B 169 19.17 22.83 -18.46
CA ALA B 169 19.80 24.02 -17.92
C ALA B 169 18.88 25.24 -17.91
N ILE B 170 18.89 25.97 -16.80
CA ILE B 170 18.07 27.17 -16.66
C ILE B 170 18.84 28.28 -15.96
N GLY B 171 18.48 29.53 -16.29
CA GLY B 171 19.12 30.67 -15.66
C GLY B 171 19.95 31.52 -16.61
N GLY B 172 19.34 32.59 -17.13
CA GLY B 172 20.04 33.48 -18.03
C GLY B 172 20.38 32.89 -19.40
N MET B 173 19.62 31.91 -19.85
CA MET B 173 19.88 31.31 -21.16
C MET B 173 19.59 32.29 -22.29
N THR B 174 20.60 32.53 -23.13
CA THR B 174 20.47 33.41 -24.29
C THR B 174 21.01 32.63 -25.47
N PRO B 175 20.66 33.04 -26.70
CA PRO B 175 21.17 32.31 -27.87
C PRO B 175 22.70 32.23 -27.90
N ASP B 176 23.37 33.31 -27.50
CA ASP B 176 24.82 33.33 -27.51
C ASP B 176 25.51 32.46 -26.46
N ARG B 177 24.74 31.94 -25.51
CA ARG B 177 25.31 31.09 -24.47
C ARG B 177 24.96 29.62 -24.67
N LEU B 178 24.18 29.32 -25.70
CA LEU B 178 23.75 27.95 -25.93
C LEU B 178 24.87 26.98 -26.26
N ARG B 179 25.85 27.42 -27.05
CA ARG B 179 26.97 26.56 -27.43
C ARG B 179 27.69 26.05 -26.19
N ASP B 180 28.00 26.97 -25.28
CA ASP B 180 28.69 26.59 -24.04
C ASP B 180 27.86 25.56 -23.28
N VAL B 181 26.57 25.84 -23.12
CA VAL B 181 25.68 24.93 -22.39
C VAL B 181 25.64 23.57 -23.08
N LYS B 182 25.61 23.58 -24.41
CA LYS B 182 25.57 22.32 -25.16
C LYS B 182 26.87 21.54 -24.92
N GLN B 183 28.01 22.23 -25.05
CA GLN B 183 29.31 21.60 -24.84
C GLN B 183 29.39 21.01 -23.43
N ALA B 184 28.69 21.62 -22.48
CA ALA B 184 28.70 21.14 -21.11
C ALA B 184 27.91 19.83 -20.93
N GLY B 185 27.16 19.44 -21.97
CA GLY B 185 26.40 18.21 -21.88
C GLY B 185 24.91 18.35 -21.60
N ALA B 186 24.43 19.59 -21.46
CA ALA B 186 23.01 19.82 -21.18
C ALA B 186 22.11 19.15 -22.23
N ASP B 187 21.04 18.51 -21.75
CA ASP B 187 20.10 17.83 -22.63
C ASP B 187 19.00 18.77 -23.13
N GLY B 188 19.02 20.00 -22.65
CA GLY B 188 18.04 20.98 -23.06
C GLY B 188 18.19 22.25 -22.26
N ILE B 189 17.48 23.30 -22.66
CA ILE B 189 17.54 24.57 -21.95
C ILE B 189 16.14 25.04 -21.59
N ALA B 190 16.05 25.81 -20.51
CA ALA B 190 14.78 26.37 -20.06
C ALA B 190 14.93 27.88 -20.10
N VAL B 191 13.93 28.55 -20.67
CA VAL B 191 13.95 30.00 -20.79
C VAL B 191 12.70 30.67 -20.24
N MET B 192 12.88 31.67 -19.38
CA MET B 192 11.75 32.39 -18.82
C MET B 192 11.65 33.78 -19.44
N SER B 193 12.38 34.75 -18.88
CA SER B 193 12.31 36.12 -19.40
C SER B 193 12.73 36.26 -20.87
N GLY B 194 13.68 35.44 -21.30
CA GLY B 194 14.14 35.51 -22.68
C GLY B 194 13.02 35.41 -23.71
N ILE B 195 11.92 34.79 -23.32
CA ILE B 195 10.77 34.64 -24.20
C ILE B 195 9.61 35.52 -23.74
N PHE B 196 9.19 35.34 -22.50
CA PHE B 196 8.04 36.07 -21.96
C PHE B 196 8.17 37.57 -21.72
N SER B 197 9.40 38.09 -21.66
CA SER B 197 9.60 39.53 -21.49
C SER B 197 9.84 40.21 -22.83
N SER B 198 9.98 39.41 -23.88
CA SER B 198 10.24 39.94 -25.21
C SER B 198 9.03 40.64 -25.81
N ALA B 199 9.28 41.66 -26.62
CA ALA B 199 8.21 42.40 -27.27
C ALA B 199 7.57 41.47 -28.30
N GLU B 200 8.36 40.53 -28.79
CA GLU B 200 7.88 39.55 -29.78
C GLU B 200 8.21 38.13 -29.30
N PRO B 201 7.42 37.61 -28.33
CA PRO B 201 7.65 36.27 -27.79
C PRO B 201 7.90 35.17 -28.82
N LEU B 202 7.12 35.17 -29.90
CA LEU B 202 7.28 34.15 -30.94
C LEU B 202 8.65 34.26 -31.61
N GLU B 203 9.07 35.48 -31.93
CA GLU B 203 10.36 35.66 -32.59
C GLU B 203 11.47 35.31 -31.61
N ALA B 204 11.25 35.59 -30.33
CA ALA B 204 12.23 35.28 -29.30
C ALA B 204 12.40 33.77 -29.19
N ALA B 205 11.29 33.05 -29.08
CA ALA B 205 11.34 31.60 -28.97
C ALA B 205 12.04 31.01 -30.20
N ARG B 206 11.86 31.64 -31.35
CA ARG B 206 12.48 31.16 -32.58
C ARG B 206 13.99 31.36 -32.65
N ARG B 207 14.51 32.43 -32.05
CA ARG B 207 15.95 32.64 -32.06
C ARG B 207 16.59 31.46 -31.32
N TYR B 208 15.94 31.03 -30.25
CA TYR B 208 16.43 29.91 -29.47
C TYR B 208 16.36 28.61 -30.27
N SER B 209 15.19 28.28 -30.78
CA SER B 209 15.01 27.05 -31.56
C SER B 209 15.94 27.01 -32.76
N ARG B 210 16.09 28.15 -33.43
CA ARG B 210 16.96 28.24 -34.59
C ARG B 210 18.40 27.93 -34.17
N LYS B 211 18.83 28.51 -33.05
CA LYS B 211 20.18 28.29 -32.56
C LYS B 211 20.43 26.83 -32.20
N LEU B 212 19.43 26.18 -31.64
CA LEU B 212 19.55 24.77 -31.25
C LEU B 212 19.61 23.88 -32.49
N LYS B 213 18.70 24.11 -33.44
CA LYS B 213 18.68 23.32 -34.66
C LYS B 213 20.02 23.46 -35.37
N GLU B 214 20.53 24.68 -35.38
CA GLU B 214 21.81 24.97 -36.02
C GLU B 214 22.91 24.09 -35.44
N MET B 215 23.03 24.09 -34.12
CA MET B 215 24.04 23.29 -33.44
C MET B 215 23.81 21.79 -33.53
N ARG B 216 22.67 21.40 -34.08
CA ARG B 216 22.38 19.97 -34.20
C ARG B 216 23.12 19.43 -35.42
N MET C 17 9.34 -50.15 21.81
CA MET C 17 8.44 -49.53 20.78
C MET C 17 8.02 -48.11 21.17
N GLU C 18 8.08 -47.20 20.20
CA GLU C 18 7.69 -45.81 20.44
C GLU C 18 6.19 -45.65 20.36
N LEU C 19 5.68 -44.62 21.00
CA LEU C 19 4.26 -44.32 20.99
C LEU C 19 4.08 -42.88 20.48
N HIS C 20 3.43 -42.75 19.33
CA HIS C 20 3.19 -41.45 18.72
C HIS C 20 1.71 -41.08 18.81
N ALA C 21 1.42 -39.91 19.35
CA ALA C 21 0.05 -39.44 19.44
C ALA C 21 -0.16 -38.54 18.22
N ILE C 22 -1.30 -38.69 17.55
CA ILE C 22 -1.60 -37.90 16.35
C ILE C 22 -2.82 -37.03 16.62
N THR C 23 -2.72 -35.71 16.47
CA THR C 23 -3.86 -34.85 16.72
C THR C 23 -4.99 -35.20 15.74
N ASP C 24 -6.23 -34.96 16.16
CA ASP C 24 -7.40 -35.34 15.35
C ASP C 24 -8.11 -34.33 14.46
N ASP C 25 -7.57 -33.13 14.32
CA ASP C 25 -8.18 -32.14 13.42
C ASP C 25 -9.69 -32.02 13.62
N SER C 26 -10.14 -31.91 14.87
CA SER C 26 -11.57 -31.81 15.15
C SER C 26 -11.91 -30.85 16.28
N LYS C 27 -10.91 -30.46 17.06
CA LYS C 27 -11.16 -29.58 18.20
C LYS C 27 -10.61 -28.16 18.10
N PRO C 28 -11.17 -27.24 18.91
CA PRO C 28 -10.72 -25.84 18.92
C PRO C 28 -9.30 -25.89 19.49
N VAL C 29 -8.46 -24.91 19.16
CA VAL C 29 -7.07 -24.94 19.64
C VAL C 29 -6.89 -24.96 21.15
N GLU C 30 -7.75 -24.25 21.88
CA GLU C 30 -7.65 -24.21 23.34
C GLU C 30 -7.80 -25.60 23.95
N GLU C 31 -8.80 -26.33 23.48
CA GLU C 31 -9.06 -27.68 23.97
C GLU C 31 -7.92 -28.62 23.59
N LEU C 32 -7.57 -28.63 22.31
CA LEU C 32 -6.50 -29.49 21.82
C LEU C 32 -5.20 -29.25 22.57
N ALA C 33 -4.90 -27.98 22.84
CA ALA C 33 -3.67 -27.62 23.54
C ALA C 33 -3.60 -28.23 24.94
N ARG C 34 -4.73 -28.24 25.64
CA ARG C 34 -4.77 -28.79 26.98
C ARG C 34 -4.46 -30.29 26.96
N ILE C 35 -5.13 -31.00 26.05
CA ILE C 35 -4.93 -32.44 25.93
C ILE C 35 -3.48 -32.76 25.61
N ILE C 36 -2.88 -32.01 24.69
CA ILE C 36 -1.49 -32.23 24.32
C ILE C 36 -0.57 -32.10 25.55
N ILE C 37 -0.78 -31.04 26.32
CA ILE C 37 0.02 -30.82 27.54
C ILE C 37 -0.12 -31.99 28.51
N THR C 38 -1.37 -32.41 28.72
CA THR C 38 -1.69 -33.48 29.64
C THR C 38 -1.10 -34.86 29.35
N ILE C 39 -0.98 -35.20 28.07
CA ILE C 39 -0.45 -36.51 27.68
C ILE C 39 1.04 -36.55 27.35
N GLN C 40 1.68 -35.39 27.30
CA GLN C 40 3.08 -35.33 26.90
C GLN C 40 4.05 -36.33 27.50
N ASN C 41 3.95 -36.60 28.79
CA ASN C 41 4.87 -37.54 29.42
C ASN C 41 4.48 -38.99 29.20
N GLU C 42 3.32 -39.21 28.58
CA GLU C 42 2.86 -40.57 28.35
C GLU C 42 3.19 -41.08 26.94
N VAL C 43 3.62 -40.19 26.07
CA VAL C 43 3.96 -40.58 24.70
C VAL C 43 5.35 -40.09 24.34
N ASP C 44 5.90 -40.63 23.26
CA ASP C 44 7.23 -40.26 22.79
C ASP C 44 7.19 -39.08 21.79
N PHE C 45 6.15 -39.03 20.98
CA PHE C 45 6.02 -37.95 19.99
C PHE C 45 4.57 -37.55 19.81
N ILE C 46 4.36 -36.29 19.42
CA ILE C 46 3.02 -35.79 19.17
C ILE C 46 3.04 -35.10 17.83
N HIS C 47 2.28 -35.64 16.88
CA HIS C 47 2.22 -35.08 15.53
C HIS C 47 1.09 -34.08 15.42
N ILE C 48 1.43 -32.84 15.03
CA ILE C 48 0.40 -31.83 14.83
C ILE C 48 -0.14 -32.04 13.42
N ARG C 49 -1.35 -32.59 13.33
CA ARG C 49 -1.98 -32.89 12.04
C ARG C 49 -3.35 -32.22 11.94
N GLU C 50 -3.37 -30.91 12.06
CA GLU C 50 -4.63 -30.15 11.98
C GLU C 50 -4.81 -29.67 10.55
N ARG C 51 -4.93 -30.64 9.65
CA ARG C 51 -5.09 -30.42 8.22
C ARG C 51 -6.15 -29.43 7.79
N SER C 52 -7.22 -29.30 8.59
CA SER C 52 -8.29 -28.38 8.24
C SER C 52 -8.15 -26.99 8.85
N LYS C 53 -7.07 -26.78 9.62
CA LYS C 53 -6.86 -25.48 10.22
C LYS C 53 -5.87 -24.64 9.43
N SER C 54 -6.02 -23.33 9.52
CA SER C 54 -5.15 -22.39 8.82
C SER C 54 -3.83 -22.30 9.57
N ALA C 55 -2.81 -21.78 8.90
CA ALA C 55 -1.49 -21.63 9.51
C ALA C 55 -1.62 -20.73 10.74
N ALA C 56 -2.45 -19.70 10.63
CA ALA C 56 -2.65 -18.76 11.74
C ALA C 56 -3.19 -19.47 12.98
N ASP C 57 -4.18 -20.34 12.80
CA ASP C 57 -4.75 -21.08 13.92
C ASP C 57 -3.76 -22.09 14.49
N ILE C 58 -2.98 -22.74 13.62
CA ILE C 58 -2.00 -23.70 14.08
C ILE C 58 -0.89 -22.98 14.86
N LEU C 59 -0.52 -21.78 14.42
CA LEU C 59 0.50 -21.01 15.13
C LEU C 59 -0.04 -20.64 16.51
N LYS C 60 -1.35 -20.44 16.58
CA LYS C 60 -2.02 -20.11 17.84
C LYS C 60 -1.89 -21.34 18.75
N LEU C 61 -2.26 -22.50 18.21
CA LEU C 61 -2.16 -23.76 18.94
C LEU C 61 -0.75 -23.93 19.51
N LEU C 62 0.25 -23.81 18.64
CA LEU C 62 1.63 -23.96 19.07
C LEU C 62 1.99 -22.99 20.18
N ASP C 63 1.53 -21.75 20.05
CA ASP C 63 1.79 -20.74 21.06
C ASP C 63 1.21 -21.21 22.39
N LEU C 64 0.00 -21.77 22.34
CA LEU C 64 -0.65 -22.26 23.54
C LEU C 64 0.13 -23.38 24.21
N ILE C 65 0.58 -24.37 23.43
CA ILE C 65 1.33 -25.45 24.04
C ILE C 65 2.74 -25.04 24.47
N PHE C 66 3.34 -24.09 23.77
CA PHE C 66 4.68 -23.64 24.15
C PHE C 66 4.56 -22.94 25.50
N GLU C 67 3.50 -22.15 25.66
CA GLU C 67 3.21 -21.42 26.90
C GLU C 67 2.86 -22.41 27.99
N GLY C 68 2.28 -23.53 27.58
CA GLY C 68 1.88 -24.57 28.51
C GLY C 68 3.04 -25.40 29.02
N GLY C 69 4.22 -25.20 28.43
CA GLY C 69 5.40 -25.93 28.88
C GLY C 69 5.80 -27.16 28.09
N ILE C 70 5.09 -27.47 27.00
CA ILE C 70 5.39 -28.64 26.19
C ILE C 70 6.88 -28.77 25.84
N ASP C 71 7.34 -30.00 25.65
CA ASP C 71 8.73 -30.27 25.29
C ASP C 71 8.82 -30.30 23.76
N LYS C 72 9.32 -29.21 23.17
CA LYS C 72 9.44 -29.09 21.72
C LYS C 72 10.02 -30.30 21.00
N ARG C 73 10.96 -31.01 21.64
CA ARG C 73 11.60 -32.17 21.02
C ARG C 73 10.65 -33.31 20.70
N LYS C 74 9.49 -33.32 21.33
CA LYS C 74 8.50 -34.36 21.09
C LYS C 74 7.53 -34.01 19.98
N LEU C 75 7.56 -32.76 19.52
CA LEU C 75 6.63 -32.34 18.48
C LEU C 75 7.06 -32.69 17.07
N VAL C 76 6.09 -33.12 16.27
CA VAL C 76 6.31 -33.47 14.87
C VAL C 76 5.24 -32.73 14.08
N MET C 77 5.65 -31.93 13.10
CA MET C 77 4.68 -31.20 12.30
C MET C 77 4.37 -32.01 11.06
N ASN C 78 3.10 -32.35 10.89
CA ASN C 78 2.68 -33.10 9.72
C ASN C 78 2.33 -32.17 8.57
N GLY C 79 2.93 -32.41 7.41
CA GLY C 79 2.66 -31.62 6.22
C GLY C 79 3.17 -30.20 6.11
N ARG C 80 2.93 -29.38 7.12
CA ARG C 80 3.36 -27.97 7.09
C ARG C 80 4.83 -27.77 7.44
N VAL C 81 5.70 -27.93 6.45
CA VAL C 81 7.12 -27.76 6.65
C VAL C 81 7.44 -26.30 6.98
N ASP C 82 6.68 -25.36 6.40
CA ASP C 82 6.92 -23.96 6.69
C ASP C 82 6.64 -23.64 8.16
N ILE C 83 5.51 -24.10 8.66
CA ILE C 83 5.18 -23.87 10.06
C ILE C 83 6.27 -24.45 10.96
N ALA C 84 6.76 -25.64 10.62
CA ALA C 84 7.81 -26.27 11.42
C ALA C 84 9.05 -25.39 11.50
N LEU C 85 9.49 -24.89 10.35
CA LEU C 85 10.66 -24.04 10.26
C LEU C 85 10.53 -22.75 11.09
N PHE C 86 9.37 -22.12 11.04
CA PHE C 86 9.15 -20.88 11.77
C PHE C 86 8.71 -21.07 13.21
N SER C 87 8.61 -22.32 13.66
CA SER C 87 8.19 -22.61 15.03
C SER C 87 9.27 -23.34 15.81
N THR C 88 10.44 -23.53 15.20
CA THR C 88 11.54 -24.24 15.85
C THR C 88 11.22 -25.72 16.08
N ILE C 89 10.45 -26.32 15.17
CA ILE C 89 10.13 -27.74 15.29
C ILE C 89 10.99 -28.44 14.24
N HIS C 90 11.90 -29.30 14.70
CA HIS C 90 12.82 -29.97 13.81
C HIS C 90 12.40 -31.35 13.30
N ARG C 91 11.13 -31.69 13.46
CA ARG C 91 10.65 -32.98 12.99
C ARG C 91 9.41 -32.78 12.12
N VAL C 92 9.43 -33.38 10.93
CA VAL C 92 8.30 -33.28 10.02
C VAL C 92 7.85 -34.63 9.49
N GLN C 93 6.54 -34.75 9.26
CA GLN C 93 5.95 -35.97 8.73
C GLN C 93 5.41 -35.57 7.35
N LEU C 94 5.93 -36.21 6.30
CA LEU C 94 5.52 -35.89 4.93
C LEU C 94 4.49 -36.84 4.34
N PRO C 95 3.27 -36.32 4.05
CA PRO C 95 2.21 -37.14 3.47
C PRO C 95 2.63 -37.71 2.11
N SER C 96 1.97 -38.80 1.71
CA SER C 96 2.26 -39.44 0.43
C SER C 96 1.89 -38.46 -0.69
N GLY C 97 2.79 -38.27 -1.64
CA GLY C 97 2.52 -37.36 -2.73
C GLY C 97 2.99 -35.94 -2.49
N SER C 98 3.48 -35.65 -1.28
CA SER C 98 3.95 -34.30 -1.01
C SER C 98 5.46 -34.20 -1.26
N PHE C 99 6.15 -33.33 -0.52
CA PHE C 99 7.59 -33.15 -0.71
C PHE C 99 8.41 -34.41 -0.50
N SER C 100 9.52 -34.53 -1.23
CA SER C 100 10.38 -35.69 -1.08
C SER C 100 11.40 -35.36 0.01
N PRO C 101 11.81 -36.36 0.80
CA PRO C 101 12.78 -36.12 1.87
C PRO C 101 14.06 -35.49 1.30
N LYS C 102 14.49 -35.96 0.14
CA LYS C 102 15.69 -35.46 -0.50
C LYS C 102 15.64 -33.94 -0.69
N GLN C 103 14.52 -33.44 -1.22
CA GLN C 103 14.33 -32.00 -1.43
C GLN C 103 14.55 -31.23 -0.15
N ILE C 104 13.76 -31.61 0.85
CA ILE C 104 13.78 -30.98 2.15
C ILE C 104 15.13 -31.05 2.87
N ARG C 105 15.76 -32.22 2.83
CA ARG C 105 17.05 -32.39 3.49
C ARG C 105 18.12 -31.51 2.88
N ALA C 106 18.11 -31.37 1.56
CA ALA C 106 19.08 -30.54 0.86
C ALA C 106 19.06 -29.11 1.35
N ARG C 107 17.85 -28.58 1.60
CA ARG C 107 17.74 -27.20 2.07
C ARG C 107 17.79 -27.11 3.60
N PHE C 108 17.18 -28.09 4.28
CA PHE C 108 17.14 -28.09 5.73
C PHE C 108 17.70 -29.39 6.31
N PRO C 109 19.03 -29.52 6.37
CA PRO C 109 19.72 -30.70 6.88
C PRO C 109 19.41 -31.08 8.34
N HIS C 110 18.94 -30.12 9.13
CA HIS C 110 18.66 -30.38 10.54
C HIS C 110 17.35 -31.13 10.81
N LEU C 111 16.49 -31.22 9.81
CA LEU C 111 15.20 -31.89 10.00
C LEU C 111 15.20 -33.40 10.03
N HIS C 112 14.38 -33.95 10.93
CA HIS C 112 14.19 -35.39 11.06
C HIS C 112 12.98 -35.58 10.15
N ILE C 113 13.12 -36.43 9.14
CA ILE C 113 12.03 -36.62 8.19
C ILE C 113 11.34 -37.98 8.18
N GLY C 114 10.02 -37.96 8.36
CA GLY C 114 9.25 -39.17 8.32
C GLY C 114 8.36 -39.15 7.07
N ARG C 115 8.13 -40.31 6.47
CA ARG C 115 7.29 -40.39 5.28
C ARG C 115 6.10 -41.31 5.53
N SER C 116 4.90 -40.82 5.22
CA SER C 116 3.69 -41.62 5.37
C SER C 116 3.55 -42.48 4.10
N VAL C 117 3.65 -43.79 4.26
CA VAL C 117 3.56 -44.72 3.13
C VAL C 117 2.35 -45.65 3.24
N HIS C 118 1.93 -46.20 2.11
CA HIS C 118 0.74 -47.06 2.13
C HIS C 118 0.88 -48.36 1.33
N SER C 119 2.10 -48.67 0.93
CA SER C 119 2.38 -49.87 0.15
C SER C 119 3.85 -50.22 0.33
N LEU C 120 4.21 -51.42 -0.11
CA LEU C 120 5.59 -51.89 -0.02
C LEU C 120 6.53 -51.06 -0.89
N GLU C 121 6.13 -50.82 -2.14
CA GLU C 121 6.96 -50.05 -3.06
C GLU C 121 7.18 -48.62 -2.55
N GLU C 122 6.15 -48.03 -1.96
CA GLU C 122 6.29 -46.67 -1.44
C GLU C 122 7.24 -46.64 -0.25
N ALA C 123 7.23 -47.71 0.56
CA ALA C 123 8.12 -47.78 1.71
C ALA C 123 9.57 -47.86 1.27
N VAL C 124 9.86 -48.74 0.33
CA VAL C 124 11.23 -48.89 -0.16
C VAL C 124 11.68 -47.62 -0.88
N GLN C 125 10.76 -46.97 -1.57
CA GLN C 125 11.09 -45.75 -2.28
C GLN C 125 11.41 -44.65 -1.27
N ALA C 126 10.67 -44.65 -0.17
CA ALA C 126 10.87 -43.67 0.89
C ALA C 126 12.27 -43.78 1.48
N GLU C 127 12.71 -45.02 1.72
CA GLU C 127 14.04 -45.23 2.26
C GLU C 127 15.09 -44.80 1.24
N LYS C 128 14.79 -45.05 -0.03
CA LYS C 128 15.70 -44.66 -1.11
C LYS C 128 15.81 -43.14 -1.17
N GLU C 129 14.70 -42.46 -0.92
CA GLU C 129 14.68 -41.00 -0.95
C GLU C 129 15.19 -40.40 0.36
N ASP C 130 15.86 -41.24 1.14
CA ASP C 130 16.49 -40.87 2.40
C ASP C 130 15.59 -40.41 3.55
N ALA C 131 14.44 -41.05 3.72
CA ALA C 131 13.55 -40.71 4.83
C ALA C 131 14.19 -41.31 6.08
N ASP C 132 13.98 -40.69 7.24
CA ASP C 132 14.56 -41.21 8.48
C ASP C 132 13.75 -42.39 9.01
N TYR C 133 12.46 -42.39 8.69
CA TYR C 133 11.58 -43.47 9.12
C TYR C 133 10.29 -43.35 8.31
N VAL C 134 9.44 -44.37 8.40
CA VAL C 134 8.17 -44.32 7.69
C VAL C 134 7.03 -44.60 8.64
N LEU C 135 5.86 -44.11 8.26
CA LEU C 135 4.65 -44.31 9.02
C LEU C 135 3.75 -45.10 8.07
N PHE C 136 3.62 -46.41 8.31
CA PHE C 136 2.80 -47.28 7.47
C PHE C 136 1.39 -47.24 8.02
N GLY C 137 0.46 -46.70 7.23
CA GLY C 137 -0.90 -46.53 7.70
C GLY C 137 -2.09 -47.36 7.27
N HIS C 138 -2.97 -47.52 8.25
CA HIS C 138 -4.21 -48.27 8.12
C HIS C 138 -3.92 -49.75 8.00
N VAL C 139 -3.27 -50.29 9.02
CA VAL C 139 -2.94 -51.70 9.05
C VAL C 139 -4.24 -52.40 9.45
N PHE C 140 -5.13 -51.66 10.09
CA PHE C 140 -6.42 -52.17 10.52
C PHE C 140 -7.52 -51.34 9.87
N ARG C 151 -3.89 -58.97 7.24
CA ARG C 151 -4.29 -58.09 6.16
C ARG C 151 -3.34 -56.89 6.11
N GLY C 152 -3.49 -55.99 7.07
CA GLY C 152 -2.62 -54.83 7.12
C GLY C 152 -1.31 -55.22 7.80
N VAL C 153 -1.43 -56.06 8.82
CA VAL C 153 -0.27 -56.51 9.58
C VAL C 153 0.74 -57.23 8.69
N SER C 154 0.24 -58.03 7.76
CA SER C 154 1.11 -58.77 6.86
C SER C 154 1.99 -57.84 6.05
N LEU C 155 1.40 -56.81 5.47
CA LEU C 155 2.15 -55.84 4.68
C LEU C 155 3.12 -55.11 5.62
N LEU C 156 2.64 -54.83 6.82
CA LEU C 156 3.46 -54.18 7.83
C LEU C 156 4.72 -55.00 8.03
N SER C 157 4.55 -56.31 8.14
CA SER C 157 5.68 -57.23 8.33
C SER C 157 6.59 -57.25 7.11
N ASP C 158 6.02 -57.32 5.91
CA ASP C 158 6.82 -57.35 4.69
C ASP C 158 7.71 -56.11 4.62
N ILE C 159 7.12 -54.95 4.89
CA ILE C 159 7.87 -53.70 4.85
C ILE C 159 9.03 -53.73 5.84
N LYS C 160 8.76 -54.11 7.09
CA LYS C 160 9.80 -54.18 8.11
C LYS C 160 10.93 -55.09 7.65
N GLN C 161 10.61 -56.09 6.83
CA GLN C 161 11.59 -57.02 6.33
C GLN C 161 12.44 -56.41 5.21
N ARG C 162 11.79 -55.71 4.28
CA ARG C 162 12.51 -55.11 3.16
C ARG C 162 13.26 -53.84 3.53
N ILE C 163 12.64 -53.01 4.39
CA ILE C 163 13.23 -51.75 4.79
C ILE C 163 14.18 -51.82 5.98
N SER C 164 15.16 -50.92 5.99
CA SER C 164 16.15 -50.87 7.06
C SER C 164 15.89 -49.74 8.07
N ILE C 165 15.06 -48.77 7.71
CA ILE C 165 14.75 -47.66 8.62
C ILE C 165 13.51 -47.97 9.45
N PRO C 166 13.35 -47.31 10.62
CA PRO C 166 12.21 -47.52 11.52
C PRO C 166 10.85 -47.50 10.82
N VAL C 167 9.95 -48.35 11.29
CA VAL C 167 8.59 -48.45 10.75
C VAL C 167 7.55 -48.25 11.84
N ILE C 168 6.84 -47.13 11.79
CA ILE C 168 5.80 -46.82 12.76
C ILE C 168 4.45 -47.23 12.17
N ALA C 169 3.71 -48.07 12.89
CA ALA C 169 2.41 -48.53 12.42
C ALA C 169 1.28 -47.64 12.89
N ILE C 170 0.34 -47.35 11.97
CA ILE C 170 -0.80 -46.49 12.31
C ILE C 170 -2.09 -47.02 11.66
N GLY C 171 -3.22 -46.71 12.29
CA GLY C 171 -4.50 -47.14 11.75
C GLY C 171 -5.24 -48.18 12.58
N GLY C 172 -6.14 -47.71 13.44
CA GLY C 172 -6.93 -48.62 14.27
C GLY C 172 -6.16 -49.26 15.41
N MET C 173 -5.05 -48.65 15.81
CA MET C 173 -4.25 -49.17 16.90
C MET C 173 -5.03 -49.18 18.22
N THR C 174 -5.06 -50.33 18.88
CA THR C 174 -5.74 -50.49 20.16
C THR C 174 -4.84 -51.36 21.02
N PRO C 175 -4.96 -51.23 22.36
CA PRO C 175 -4.12 -52.02 23.26
C PRO C 175 -4.21 -53.52 22.96
N ASP C 176 -5.39 -53.95 22.53
CA ASP C 176 -5.66 -55.35 22.20
C ASP C 176 -4.88 -55.87 20.99
N ARG C 177 -4.61 -54.99 20.04
CA ARG C 177 -3.91 -55.38 18.81
C ARG C 177 -2.41 -55.10 18.84
N LEU C 178 -1.92 -54.51 19.92
CA LEU C 178 -0.50 -54.17 20.01
C LEU C 178 0.44 -55.37 19.88
N ARG C 179 0.07 -56.50 20.48
CA ARG C 179 0.91 -57.69 20.41
C ARG C 179 1.14 -58.08 18.95
N ASP C 180 0.06 -58.11 18.18
CA ASP C 180 0.12 -58.46 16.76
C ASP C 180 1.06 -57.50 16.04
N VAL C 181 0.91 -56.21 16.32
CA VAL C 181 1.74 -55.18 15.69
C VAL C 181 3.20 -55.41 16.02
N LYS C 182 3.49 -55.74 17.27
CA LYS C 182 4.87 -55.99 17.69
C LYS C 182 5.41 -57.21 16.95
N GLN C 183 4.59 -58.25 16.84
CA GLN C 183 4.98 -59.47 16.15
C GLN C 183 5.58 -59.15 14.79
N ALA C 184 4.85 -58.33 14.02
CA ALA C 184 5.28 -57.92 12.69
C ALA C 184 6.64 -57.24 12.70
N GLY C 185 7.03 -56.70 13.85
CA GLY C 185 8.32 -56.04 13.95
C GLY C 185 8.23 -54.53 13.92
N ALA C 186 7.04 -53.98 14.13
CA ALA C 186 6.87 -52.53 14.13
C ALA C 186 7.76 -51.90 15.19
N ASP C 187 8.37 -50.77 14.84
CA ASP C 187 9.25 -50.06 15.77
C ASP C 187 8.46 -49.16 16.70
N GLY C 188 7.18 -49.01 16.42
CA GLY C 188 6.34 -48.16 17.25
C GLY C 188 4.95 -48.07 16.67
N ILE C 189 4.04 -47.42 17.37
CA ILE C 189 2.68 -47.26 16.89
C ILE C 189 2.24 -45.81 17.02
N ALA C 190 1.26 -45.44 16.20
CA ALA C 190 0.71 -44.09 16.21
C ALA C 190 -0.77 -44.22 16.50
N VAL C 191 -1.29 -43.33 17.35
CA VAL C 191 -2.69 -43.38 17.73
C VAL C 191 -3.33 -42.00 17.65
N MET C 192 -4.46 -41.91 16.95
CA MET C 192 -5.18 -40.66 16.84
C MET C 192 -6.42 -40.68 17.71
N SER C 193 -7.53 -41.19 17.18
CA SER C 193 -8.77 -41.26 17.94
C SER C 193 -8.66 -42.08 19.23
N GLY C 194 -7.79 -43.08 19.23
CA GLY C 194 -7.61 -43.92 20.40
C GLY C 194 -7.18 -43.14 21.64
N ILE C 195 -6.78 -41.89 21.44
CA ILE C 195 -6.36 -41.05 22.56
C ILE C 195 -7.20 -39.78 22.59
N PHE C 196 -7.19 -39.05 21.48
CA PHE C 196 -7.92 -37.78 21.38
C PHE C 196 -9.45 -37.84 21.38
N SER C 197 -10.02 -39.01 21.11
CA SER C 197 -11.47 -39.14 21.14
C SER C 197 -11.95 -39.65 22.48
N SER C 198 -10.99 -39.98 23.35
CA SER C 198 -11.31 -40.50 24.67
C SER C 198 -11.79 -39.40 25.61
N ALA C 199 -12.64 -39.78 26.56
CA ALA C 199 -13.16 -38.84 27.54
C ALA C 199 -12.07 -38.58 28.57
N GLU C 200 -11.08 -39.46 28.60
CA GLU C 200 -9.95 -39.35 29.52
C GLU C 200 -8.67 -39.63 28.75
N PRO C 201 -8.25 -38.68 27.89
CA PRO C 201 -7.04 -38.78 27.07
C PRO C 201 -5.80 -39.33 27.78
N LEU C 202 -5.53 -38.82 28.98
CA LEU C 202 -4.36 -39.28 29.73
C LEU C 202 -4.45 -40.77 30.07
N GLU C 203 -5.63 -41.20 30.51
CA GLU C 203 -5.83 -42.61 30.85
C GLU C 203 -5.66 -43.45 29.59
N ALA C 204 -6.33 -43.05 28.51
CA ALA C 204 -6.24 -43.77 27.24
C ALA C 204 -4.79 -43.91 26.82
N ALA C 205 -4.02 -42.83 26.92
CA ALA C 205 -2.62 -42.88 26.54
C ALA C 205 -1.86 -43.86 27.43
N ARG C 206 -2.21 -43.89 28.71
CA ARG C 206 -1.57 -44.80 29.66
C ARG C 206 -1.87 -46.24 29.27
N ARG C 207 -3.09 -46.49 28.82
CA ARG C 207 -3.50 -47.83 28.41
C ARG C 207 -2.53 -48.33 27.35
N TYR C 208 -2.12 -47.45 26.45
CA TYR C 208 -1.18 -47.81 25.38
C TYR C 208 0.24 -48.00 25.89
N SER C 209 0.77 -46.99 26.58
CA SER C 209 2.13 -47.08 27.11
C SER C 209 2.24 -48.23 28.09
N ARG C 210 1.15 -48.48 28.81
CA ARG C 210 1.09 -49.56 29.80
C ARG C 210 1.33 -50.89 29.09
N LYS C 211 0.52 -51.15 28.07
CA LYS C 211 0.63 -52.39 27.31
C LYS C 211 2.03 -52.53 26.71
N LEU C 212 2.50 -51.46 26.08
CA LEU C 212 3.82 -51.45 25.46
C LEU C 212 4.91 -51.79 26.47
N LYS C 213 4.93 -51.08 27.59
CA LYS C 213 5.93 -51.34 28.62
C LYS C 213 5.71 -52.76 29.12
N GLU C 214 4.44 -53.13 29.23
CA GLU C 214 4.05 -54.44 29.69
C GLU C 214 4.68 -55.53 28.81
N MET C 215 4.71 -55.30 27.51
CA MET C 215 5.31 -56.25 26.57
C MET C 215 6.81 -56.06 26.51
N ARG C 216 7.29 -54.92 26.99
CA ARG C 216 8.72 -54.61 26.98
C ARG C 216 9.51 -55.65 27.75
N MET D 17 -2.05 -0.24 -13.83
CA MET D 17 -2.58 -1.12 -12.75
C MET D 17 -2.41 -2.60 -13.07
N GLU D 18 -1.99 -3.37 -12.06
CA GLU D 18 -1.79 -4.80 -12.23
C GLU D 18 -3.12 -5.52 -12.05
N LEU D 19 -3.22 -6.71 -12.63
CA LEU D 19 -4.41 -7.54 -12.52
C LEU D 19 -4.00 -8.87 -11.91
N HIS D 20 -4.46 -9.13 -10.69
CA HIS D 20 -4.15 -10.37 -10.01
C HIS D 20 -5.41 -11.25 -10.00
N ALA D 21 -5.27 -12.48 -10.50
CA ALA D 21 -6.37 -13.43 -10.52
C ALA D 21 -6.10 -14.40 -9.38
N ILE D 22 -7.08 -14.58 -8.50
CA ILE D 22 -6.95 -15.47 -7.34
C ILE D 22 -7.77 -16.76 -7.53
N THR D 23 -7.14 -17.93 -7.43
CA THR D 23 -7.90 -19.17 -7.60
C THR D 23 -8.97 -19.24 -6.51
N ASP D 24 -10.04 -19.99 -6.79
CA ASP D 24 -11.18 -20.06 -5.88
C ASP D 24 -11.36 -21.26 -4.96
N ASP D 25 -10.35 -22.12 -4.85
CA ASP D 25 -10.42 -23.27 -3.95
C ASP D 25 -11.72 -24.07 -4.06
N SER D 26 -12.09 -24.49 -5.27
CA SER D 26 -13.32 -25.26 -5.42
C SER D 26 -13.34 -26.18 -6.64
N LYS D 27 -12.30 -26.09 -7.47
CA LYS D 27 -12.25 -26.92 -8.67
C LYS D 27 -11.22 -28.04 -8.60
N PRO D 28 -11.49 -29.16 -9.31
CA PRO D 28 -10.54 -30.28 -9.30
C PRO D 28 -9.26 -29.72 -9.93
N VAL D 29 -8.13 -30.36 -9.62
CA VAL D 29 -6.84 -29.91 -10.12
C VAL D 29 -6.69 -29.81 -11.65
N GLU D 30 -7.09 -30.85 -12.36
CA GLU D 30 -6.99 -30.86 -13.83
C GLU D 30 -7.77 -29.70 -14.43
N GLU D 31 -8.94 -29.45 -13.85
CA GLU D 31 -9.82 -28.38 -14.30
C GLU D 31 -9.20 -27.01 -14.04
N LEU D 32 -8.71 -26.79 -12.83
CA LEU D 32 -8.11 -25.51 -12.47
C LEU D 32 -6.86 -25.23 -13.29
N ALA D 33 -6.07 -26.26 -13.57
CA ALA D 33 -4.85 -26.11 -14.35
C ALA D 33 -5.15 -25.56 -15.75
N ARG D 34 -6.19 -26.09 -16.39
CA ARG D 34 -6.57 -25.65 -17.74
C ARG D 34 -6.95 -24.17 -17.75
N ILE D 35 -7.69 -23.75 -16.73
CA ILE D 35 -8.11 -22.35 -16.64
C ILE D 35 -6.90 -21.46 -16.47
N ILE D 36 -5.98 -21.85 -15.58
CA ILE D 36 -4.77 -21.05 -15.34
C ILE D 36 -3.96 -20.84 -16.63
N ILE D 37 -3.74 -21.91 -17.39
CA ILE D 37 -2.99 -21.81 -18.64
C ILE D 37 -3.72 -20.90 -19.63
N THR D 38 -5.04 -21.06 -19.69
CA THR D 38 -5.87 -20.28 -20.60
C THR D 38 -5.89 -18.78 -20.36
N ILE D 39 -5.92 -18.34 -19.11
CA ILE D 39 -5.99 -16.92 -18.82
C ILE D 39 -4.66 -16.21 -18.55
N GLN D 40 -3.55 -16.96 -18.56
CA GLN D 40 -2.25 -16.39 -18.23
C GLN D 40 -1.86 -15.07 -18.88
N ASN D 41 -2.20 -14.88 -20.15
CA ASN D 41 -1.84 -13.66 -20.86
C ASN D 41 -2.77 -12.47 -20.63
N GLU D 42 -3.87 -12.68 -19.91
CA GLU D 42 -4.81 -11.60 -19.63
C GLU D 42 -4.59 -11.01 -18.25
N VAL D 43 -3.72 -11.64 -17.45
CA VAL D 43 -3.45 -11.18 -16.10
C VAL D 43 -1.96 -11.03 -15.83
N ASP D 44 -1.62 -10.26 -14.80
CA ASP D 44 -0.23 -10.04 -14.42
C ASP D 44 0.26 -11.11 -13.43
N PHE D 45 -0.63 -11.54 -12.54
CA PHE D 45 -0.28 -12.54 -11.54
C PHE D 45 -1.45 -13.48 -11.26
N ILE D 46 -1.12 -14.70 -10.87
CA ILE D 46 -2.12 -15.68 -10.53
C ILE D 46 -1.75 -16.22 -9.15
N HIS D 47 -2.63 -16.00 -8.17
CA HIS D 47 -2.39 -16.46 -6.81
C HIS D 47 -3.03 -17.85 -6.64
N ILE D 48 -2.24 -18.80 -6.16
CA ILE D 48 -2.75 -20.14 -5.92
C ILE D 48 -3.26 -20.11 -4.48
N ARG D 49 -4.58 -20.09 -4.34
CA ARG D 49 -5.21 -20.02 -3.02
C ARG D 49 -6.17 -21.19 -2.84
N GLU D 50 -5.64 -22.41 -2.90
CA GLU D 50 -6.44 -23.61 -2.74
C GLU D 50 -6.32 -24.08 -1.29
N ARG D 51 -6.85 -23.27 -0.38
CA ARG D 51 -6.80 -23.54 1.05
C ARG D 51 -7.32 -24.91 1.46
N SER D 52 -8.28 -25.43 0.72
CA SER D 52 -8.87 -26.72 1.04
C SER D 52 -8.16 -27.94 0.45
N LYS D 53 -7.10 -27.71 -0.33
CA LYS D 53 -6.37 -28.82 -0.94
C LYS D 53 -5.11 -29.17 -0.17
N SER D 54 -4.73 -30.44 -0.24
CA SER D 54 -3.53 -30.93 0.42
C SER D 54 -2.33 -30.49 -0.41
N ALA D 55 -1.15 -30.51 0.20
CA ALA D 55 0.06 -30.12 -0.50
C ALA D 55 0.23 -31.02 -1.72
N ALA D 56 -0.07 -32.30 -1.56
CA ALA D 56 0.06 -33.26 -2.65
C ALA D 56 -0.75 -32.84 -3.88
N ASP D 57 -1.99 -32.43 -3.66
CA ASP D 57 -2.84 -32.02 -4.78
C ASP D 57 -2.38 -30.70 -5.40
N ILE D 58 -1.91 -29.78 -4.57
CA ILE D 58 -1.44 -28.49 -5.08
C ILE D 58 -0.15 -28.71 -5.88
N LEU D 59 0.70 -29.63 -5.41
CA LEU D 59 1.93 -29.92 -6.13
C LEU D 59 1.60 -30.54 -7.49
N LYS D 60 0.52 -31.33 -7.53
CA LYS D 60 0.11 -31.94 -8.79
C LYS D 60 -0.42 -30.84 -9.72
N LEU D 61 -1.10 -29.87 -9.14
CA LEU D 61 -1.64 -28.73 -9.89
C LEU D 61 -0.48 -27.98 -10.52
N LEU D 62 0.55 -27.74 -9.72
CA LEU D 62 1.73 -27.04 -10.20
C LEU D 62 2.42 -27.80 -11.31
N ASP D 63 2.55 -29.11 -11.16
CA ASP D 63 3.20 -29.91 -12.20
C ASP D 63 2.43 -29.78 -13.51
N LEU D 64 1.09 -29.78 -13.44
CA LEU D 64 0.27 -29.66 -14.63
C LEU D 64 0.49 -28.31 -15.31
N ILE D 65 0.47 -27.22 -14.56
CA ILE D 65 0.66 -25.93 -15.19
C ILE D 65 2.12 -25.70 -15.61
N PHE D 66 3.07 -26.25 -14.86
CA PHE D 66 4.48 -26.12 -15.23
C PHE D 66 4.69 -26.83 -16.57
N GLU D 67 4.20 -28.06 -16.68
CA GLU D 67 4.33 -28.81 -17.92
C GLU D 67 3.49 -28.15 -19.00
N GLY D 68 2.49 -27.38 -18.58
CA GLY D 68 1.63 -26.69 -19.52
C GLY D 68 2.28 -25.44 -20.09
N GLY D 69 3.48 -25.11 -19.60
CA GLY D 69 4.20 -23.96 -20.10
C GLY D 69 4.02 -22.62 -19.40
N ILE D 70 3.34 -22.61 -18.25
CA ILE D 70 3.09 -21.38 -17.51
C ILE D 70 4.40 -20.67 -17.13
N ASP D 71 4.37 -19.33 -17.11
CA ASP D 71 5.54 -18.55 -16.72
C ASP D 71 5.50 -18.49 -15.19
N LYS D 72 6.43 -19.16 -14.54
CA LYS D 72 6.49 -19.20 -13.08
C LYS D 72 6.57 -17.83 -12.42
N ARG D 73 7.06 -16.83 -13.13
CA ARG D 73 7.19 -15.49 -12.56
C ARG D 73 5.85 -14.82 -12.28
N LYS D 74 4.78 -15.35 -12.87
CA LYS D 74 3.44 -14.80 -12.65
C LYS D 74 2.74 -15.47 -11.48
N LEU D 75 3.32 -16.55 -10.99
CA LEU D 75 2.71 -17.28 -9.90
C LEU D 75 3.01 -16.76 -8.50
N VAL D 76 1.97 -16.73 -7.69
CA VAL D 76 2.06 -16.29 -6.30
C VAL D 76 1.42 -17.39 -5.47
N MET D 77 2.15 -17.89 -4.48
CA MET D 77 1.60 -18.94 -3.62
C MET D 77 1.00 -18.29 -2.38
N ASN D 78 -0.28 -18.54 -2.15
CA ASN D 78 -0.93 -17.98 -0.98
C ASN D 78 -0.78 -18.93 0.20
N GLY D 79 -0.26 -18.41 1.31
CA GLY D 79 -0.11 -19.19 2.53
C GLY D 79 0.95 -20.27 2.63
N ARG D 80 1.05 -21.14 1.64
CA ARG D 80 2.02 -22.24 1.68
C ARG D 80 3.42 -21.84 1.22
N VAL D 81 4.18 -21.26 2.14
CA VAL D 81 5.54 -20.83 1.85
C VAL D 81 6.41 -22.05 1.49
N ASP D 82 6.17 -23.17 2.15
CA ASP D 82 6.95 -24.37 1.86
C ASP D 82 6.72 -24.80 0.42
N ILE D 83 5.47 -24.82 -0.03
CA ILE D 83 5.19 -25.21 -1.40
C ILE D 83 5.88 -24.28 -2.39
N ALA D 84 5.88 -22.99 -2.09
CA ALA D 84 6.51 -22.02 -2.98
C ALA D 84 8.02 -22.29 -3.09
N LEU D 85 8.66 -22.47 -1.94
CA LEU D 85 10.09 -22.73 -1.89
C LEU D 85 10.53 -23.95 -2.69
N PHE D 86 9.75 -25.02 -2.62
CA PHE D 86 10.11 -26.24 -3.33
C PHE D 86 9.50 -26.38 -4.71
N SER D 87 8.90 -25.31 -5.22
CA SER D 87 8.28 -25.32 -6.54
C SER D 87 8.86 -24.23 -7.43
N THR D 88 9.91 -23.58 -6.96
CA THR D 88 10.56 -22.49 -7.71
C THR D 88 9.61 -21.30 -7.93
N ILE D 89 8.75 -21.05 -6.95
CA ILE D 89 7.83 -19.92 -7.02
C ILE D 89 8.43 -18.90 -6.04
N HIS D 90 8.75 -17.71 -6.55
CA HIS D 90 9.38 -16.67 -5.75
C HIS D 90 8.46 -15.65 -5.10
N ARG D 91 7.15 -15.84 -5.26
CA ARG D 91 6.19 -14.90 -4.68
C ARG D 91 5.21 -15.58 -3.74
N VAL D 92 5.08 -15.02 -2.53
CA VAL D 92 4.16 -15.56 -1.55
C VAL D 92 3.23 -14.48 -1.03
N GLN D 93 2.00 -14.88 -0.71
CA GLN D 93 0.99 -13.97 -0.18
C GLN D 93 0.69 -14.51 1.21
N LEU D 94 0.94 -13.68 2.23
CA LEU D 94 0.75 -14.07 3.62
C LEU D 94 -0.54 -13.62 4.29
N PRO D 95 -1.39 -14.57 4.68
CA PRO D 95 -2.67 -14.29 5.35
C PRO D 95 -2.43 -13.60 6.69
N SER D 96 -3.41 -12.79 7.10
CA SER D 96 -3.34 -12.09 8.38
C SER D 96 -3.23 -13.14 9.49
N GLY D 97 -2.28 -12.95 10.39
CA GLY D 97 -2.14 -13.89 11.50
C GLY D 97 -1.13 -15.00 11.25
N SER D 98 -0.63 -15.10 10.03
CA SER D 98 0.34 -16.13 9.71
C SER D 98 1.77 -15.59 9.90
N PHE D 99 2.73 -16.14 9.16
CA PHE D 99 4.13 -15.73 9.29
C PHE D 99 4.36 -14.24 9.04
N SER D 100 5.32 -13.66 9.75
CA SER D 100 5.65 -12.25 9.57
C SER D 100 6.61 -12.12 8.40
N PRO D 101 6.52 -11.04 7.63
CA PRO D 101 7.43 -10.89 6.49
C PRO D 101 8.89 -10.96 6.94
N LYS D 102 9.16 -10.46 8.15
CA LYS D 102 10.52 -10.45 8.69
C LYS D 102 11.06 -11.86 8.85
N GLN D 103 10.25 -12.76 9.40
CA GLN D 103 10.66 -14.15 9.58
C GLN D 103 11.04 -14.77 8.25
N ILE D 104 10.16 -14.58 7.27
CA ILE D 104 10.35 -15.12 5.94
C ILE D 104 11.57 -14.57 5.22
N ARG D 105 11.76 -13.26 5.26
CA ARG D 105 12.90 -12.65 4.59
C ARG D 105 14.23 -13.05 5.22
N ALA D 106 14.22 -13.28 6.54
CA ALA D 106 15.44 -13.67 7.23
C ALA D 106 15.98 -14.99 6.70
N ARG D 107 15.07 -15.91 6.36
CA ARG D 107 15.45 -17.23 5.86
C ARG D 107 15.41 -17.40 4.34
N PHE D 108 14.49 -16.69 3.68
CA PHE D 108 14.33 -16.81 2.23
C PHE D 108 14.27 -15.43 1.57
N PRO D 109 15.39 -14.70 1.61
CA PRO D 109 15.58 -13.35 1.06
C PRO D 109 15.17 -13.18 -0.40
N HIS D 110 15.15 -14.28 -1.16
CA HIS D 110 14.78 -14.19 -2.58
C HIS D 110 13.28 -14.05 -2.81
N LEU D 111 12.47 -14.25 -1.78
CA LEU D 111 11.02 -14.16 -1.94
C LEU D 111 10.43 -12.74 -1.94
N HIS D 112 9.45 -12.53 -2.82
CA HIS D 112 8.76 -11.25 -2.89
C HIS D 112 7.57 -11.52 -1.96
N ILE D 113 7.39 -10.69 -0.95
CA ILE D 113 6.35 -10.92 0.03
C ILE D 113 5.15 -9.97 0.07
N GLY D 114 3.97 -10.56 -0.07
CA GLY D 114 2.75 -9.77 -0.01
C GLY D 114 2.03 -10.06 1.29
N ARG D 115 1.42 -9.05 1.89
CA ARG D 115 0.66 -9.25 3.11
C ARG D 115 -0.80 -8.91 2.86
N SER D 116 -1.68 -9.81 3.28
CA SER D 116 -3.11 -9.59 3.12
C SER D 116 -3.57 -8.79 4.34
N VAL D 117 -4.03 -7.56 4.11
CA VAL D 117 -4.45 -6.71 5.22
C VAL D 117 -5.91 -6.30 5.12
N HIS D 118 -6.52 -6.01 6.26
CA HIS D 118 -7.93 -5.67 6.28
C HIS D 118 -8.27 -4.38 7.01
N SER D 119 -7.24 -3.62 7.34
CA SER D 119 -7.45 -2.35 8.02
C SER D 119 -6.26 -1.44 7.75
N LEU D 120 -6.42 -0.16 8.05
CA LEU D 120 -5.35 0.80 7.84
C LEU D 120 -4.18 0.48 8.76
N GLU D 121 -4.49 0.16 10.02
CA GLU D 121 -3.45 -0.15 10.98
C GLU D 121 -2.62 -1.38 10.56
N GLU D 122 -3.30 -2.43 10.11
CA GLU D 122 -2.59 -3.63 9.70
C GLU D 122 -1.73 -3.35 8.46
N ALA D 123 -2.22 -2.50 7.56
CA ALA D 123 -1.48 -2.15 6.35
C ALA D 123 -0.20 -1.41 6.74
N VAL D 124 -0.33 -0.45 7.65
CA VAL D 124 0.82 0.32 8.11
C VAL D 124 1.84 -0.60 8.76
N GLN D 125 1.37 -1.52 9.61
CA GLN D 125 2.26 -2.46 10.27
C GLN D 125 2.97 -3.36 9.26
N ALA D 126 2.25 -3.75 8.20
CA ALA D 126 2.83 -4.60 7.16
C ALA D 126 4.03 -3.94 6.51
N GLU D 127 3.93 -2.65 6.25
CA GLU D 127 5.05 -1.93 5.64
C GLU D 127 6.22 -1.94 6.61
N LYS D 128 5.92 -1.73 7.89
CA LYS D 128 6.94 -1.72 8.92
C LYS D 128 7.64 -3.07 9.05
N GLU D 129 6.89 -4.16 8.84
CA GLU D 129 7.49 -5.49 8.94
C GLU D 129 8.16 -5.90 7.64
N ASP D 130 8.37 -4.91 6.77
CA ASP D 130 9.04 -5.11 5.50
C ASP D 130 8.35 -5.93 4.41
N ALA D 131 7.02 -5.81 4.31
CA ALA D 131 6.31 -6.52 3.25
C ALA D 131 6.66 -5.76 1.98
N ASP D 132 6.59 -6.43 0.83
CA ASP D 132 6.89 -5.76 -0.43
C ASP D 132 5.65 -5.03 -0.95
N TYR D 133 4.48 -5.46 -0.49
CA TYR D 133 3.23 -4.86 -0.89
C TYR D 133 2.11 -5.47 -0.07
N VAL D 134 0.93 -4.86 -0.15
CA VAL D 134 -0.23 -5.37 0.57
C VAL D 134 -1.40 -5.60 -0.36
N LEU D 135 -2.28 -6.49 0.06
CA LEU D 135 -3.50 -6.83 -0.66
C LEU D 135 -4.55 -6.36 0.34
N PHE D 136 -5.12 -5.18 0.10
CA PHE D 136 -6.13 -4.62 1.00
C PHE D 136 -7.47 -5.18 0.57
N GLY D 137 -8.05 -5.99 1.45
CA GLY D 137 -9.28 -6.68 1.10
C GLY D 137 -10.67 -6.33 1.56
N HIS D 138 -11.58 -6.63 0.64
CA HIS D 138 -13.01 -6.41 0.77
C HIS D 138 -13.31 -4.93 0.78
N VAL D 139 -13.03 -4.32 -0.36
CA VAL D 139 -13.28 -2.91 -0.55
C VAL D 139 -14.78 -2.74 -0.80
N PHE D 140 -15.38 -3.74 -1.44
CA PHE D 140 -16.81 -3.71 -1.73
C PHE D 140 -17.53 -4.91 -1.14
N ARG D 151 -16.95 3.31 2.27
CA ARG D 151 -15.98 3.17 3.36
C ARG D 151 -14.71 2.46 2.88
N GLY D 152 -14.90 1.48 2.00
CA GLY D 152 -13.77 0.71 1.48
C GLY D 152 -12.81 1.52 0.62
N VAL D 153 -13.36 2.32 -0.29
CA VAL D 153 -12.53 3.14 -1.17
C VAL D 153 -11.89 4.27 -0.37
N SER D 154 -12.59 4.72 0.66
CA SER D 154 -12.08 5.78 1.51
C SER D 154 -10.87 5.26 2.29
N LEU D 155 -10.96 4.01 2.75
CA LEU D 155 -9.85 3.40 3.49
C LEU D 155 -8.66 3.20 2.57
N LEU D 156 -8.95 2.76 1.35
CA LEU D 156 -7.92 2.54 0.33
C LEU D 156 -7.14 3.83 0.10
N SER D 157 -7.88 4.92 -0.06
CA SER D 157 -7.31 6.24 -0.29
C SER D 157 -6.41 6.66 0.87
N ASP D 158 -6.87 6.41 2.10
CA ASP D 158 -6.13 6.77 3.29
C ASP D 158 -4.84 5.95 3.36
N ILE D 159 -4.96 4.65 3.10
CA ILE D 159 -3.79 3.77 3.11
C ILE D 159 -2.75 4.20 2.08
N LYS D 160 -3.22 4.56 0.89
CA LYS D 160 -2.31 4.98 -0.19
C LYS D 160 -1.55 6.27 0.11
N GLN D 161 -1.87 6.92 1.23
CA GLN D 161 -1.19 8.15 1.60
C GLN D 161 -0.28 7.87 2.78
N ARG D 162 -0.55 6.77 3.49
CA ARG D 162 0.24 6.41 4.66
C ARG D 162 1.41 5.47 4.41
N ILE D 163 1.29 4.57 3.43
CA ILE D 163 2.38 3.66 3.13
C ILE D 163 2.90 3.92 1.72
N SER D 164 4.13 3.51 1.45
CA SER D 164 4.74 3.72 0.15
C SER D 164 4.75 2.49 -0.73
N ILE D 165 4.57 1.32 -0.13
CA ILE D 165 4.57 0.08 -0.90
C ILE D 165 3.24 -0.09 -1.64
N PRO D 166 3.26 -0.79 -2.78
CA PRO D 166 2.06 -1.02 -3.60
C PRO D 166 0.87 -1.61 -2.84
N VAL D 167 -0.33 -1.18 -3.23
CA VAL D 167 -1.56 -1.65 -2.62
C VAL D 167 -2.43 -2.29 -3.68
N ILE D 168 -2.77 -3.56 -3.50
CA ILE D 168 -3.62 -4.25 -4.44
C ILE D 168 -5.01 -4.36 -3.78
N ALA D 169 -6.01 -3.80 -4.45
CA ALA D 169 -7.37 -3.81 -3.92
C ALA D 169 -8.11 -5.10 -4.28
N ILE D 170 -8.76 -5.71 -3.30
CA ILE D 170 -9.51 -6.96 -3.52
C ILE D 170 -10.87 -6.94 -2.84
N GLY D 171 -11.83 -7.65 -3.39
CA GLY D 171 -13.16 -7.70 -2.79
C GLY D 171 -14.24 -7.04 -3.62
N GLY D 172 -15.00 -7.87 -4.34
CA GLY D 172 -16.07 -7.36 -5.18
C GLY D 172 -15.62 -6.53 -6.36
N MET D 173 -14.40 -6.75 -6.83
CA MET D 173 -13.90 -6.00 -7.98
C MET D 173 -14.62 -6.40 -9.26
N THR D 174 -15.13 -5.40 -9.97
CA THR D 174 -15.83 -5.63 -11.23
C THR D 174 -15.36 -4.55 -12.21
N PRO D 175 -15.49 -4.81 -13.52
CA PRO D 175 -15.05 -3.83 -14.53
C PRO D 175 -15.56 -2.40 -14.29
N ASP D 176 -16.82 -2.27 -13.90
CA ASP D 176 -17.40 -0.95 -13.66
C ASP D 176 -16.94 -0.26 -12.39
N ARG D 177 -16.17 -0.97 -11.57
CA ARG D 177 -15.67 -0.39 -10.32
C ARG D 177 -14.19 -0.06 -10.41
N LEU D 178 -13.54 -0.49 -11.49
CA LEU D 178 -12.11 -0.26 -11.65
C LEU D 178 -11.67 1.20 -11.67
N ARG D 179 -12.46 2.06 -12.28
CA ARG D 179 -12.13 3.48 -12.37
C ARG D 179 -12.07 4.12 -10.99
N ASP D 180 -13.08 3.83 -10.16
CA ASP D 180 -13.12 4.39 -8.81
C ASP D 180 -11.92 3.91 -8.01
N VAL D 181 -11.64 2.61 -8.11
CA VAL D 181 -10.53 2.01 -7.38
C VAL D 181 -9.21 2.61 -7.86
N LYS D 182 -9.06 2.74 -9.17
CA LYS D 182 -7.85 3.31 -9.77
C LYS D 182 -7.67 4.77 -9.34
N GLN D 183 -8.75 5.54 -9.42
CA GLN D 183 -8.73 6.96 -9.05
C GLN D 183 -8.32 7.15 -7.58
N ALA D 184 -8.69 6.19 -6.74
CA ALA D 184 -8.38 6.24 -5.32
C ALA D 184 -6.91 5.88 -5.01
N GLY D 185 -6.17 5.48 -6.03
CA GLY D 185 -4.77 5.16 -5.82
C GLY D 185 -4.32 3.71 -5.87
N ALA D 186 -5.24 2.77 -5.98
CA ALA D 186 -4.87 1.35 -6.04
C ALA D 186 -3.82 1.11 -7.12
N ASP D 187 -2.83 0.28 -6.80
CA ASP D 187 -1.76 -0.04 -7.73
C ASP D 187 -2.14 -1.25 -8.58
N GLY D 188 -3.27 -1.86 -8.23
CA GLY D 188 -3.75 -3.01 -8.97
C GLY D 188 -4.99 -3.56 -8.30
N ILE D 189 -5.65 -4.52 -8.95
CA ILE D 189 -6.84 -5.12 -8.38
C ILE D 189 -6.71 -6.65 -8.44
N ALA D 190 -7.32 -7.31 -7.46
CA ALA D 190 -7.30 -8.76 -7.41
C ALA D 190 -8.72 -9.23 -7.61
N VAL D 191 -8.89 -10.28 -8.41
CA VAL D 191 -10.21 -10.81 -8.68
C VAL D 191 -10.24 -12.31 -8.48
N MET D 192 -11.22 -12.79 -7.72
CA MET D 192 -11.35 -14.22 -7.49
C MET D 192 -12.59 -14.73 -8.26
N SER D 193 -13.77 -14.59 -7.67
CA SER D 193 -14.99 -15.07 -8.33
C SER D 193 -15.22 -14.44 -9.70
N GLY D 194 -14.94 -13.14 -9.82
CA GLY D 194 -15.13 -12.44 -11.07
C GLY D 194 -14.48 -13.10 -12.28
N ILE D 195 -13.50 -13.96 -12.04
CA ILE D 195 -12.82 -14.66 -13.12
C ILE D 195 -12.96 -16.17 -12.99
N PHE D 196 -12.44 -16.72 -11.90
CA PHE D 196 -12.49 -18.16 -11.68
C PHE D 196 -13.87 -18.75 -11.43
N SER D 197 -14.83 -17.94 -11.02
CA SER D 197 -16.17 -18.47 -10.79
C SER D 197 -17.05 -18.22 -12.01
N SER D 198 -16.43 -17.78 -13.10
CA SER D 198 -17.16 -17.53 -14.35
C SER D 198 -17.08 -18.79 -15.20
N ALA D 199 -18.11 -19.03 -16.01
CA ALA D 199 -18.13 -20.20 -16.88
C ALA D 199 -17.28 -19.93 -18.12
N GLU D 200 -16.93 -18.67 -18.30
CA GLU D 200 -16.11 -18.26 -19.44
C GLU D 200 -14.97 -17.43 -18.88
N PRO D 201 -14.04 -18.07 -18.17
CA PRO D 201 -12.86 -17.45 -17.53
C PRO D 201 -12.06 -16.50 -18.40
N LEU D 202 -11.74 -16.93 -19.62
CA LEU D 202 -10.96 -16.10 -20.52
C LEU D 202 -11.67 -14.80 -20.85
N GLU D 203 -12.94 -14.90 -21.23
CA GLU D 203 -13.70 -13.70 -21.53
C GLU D 203 -13.88 -12.85 -20.28
N ALA D 204 -14.07 -13.48 -19.14
CA ALA D 204 -14.23 -12.72 -17.90
C ALA D 204 -12.94 -11.95 -17.65
N ALA D 205 -11.80 -12.62 -17.74
CA ALA D 205 -10.51 -11.97 -17.52
C ALA D 205 -10.35 -10.82 -18.52
N ARG D 206 -10.68 -11.07 -19.78
CA ARG D 206 -10.56 -10.04 -20.82
C ARG D 206 -11.38 -8.80 -20.49
N ARG D 207 -12.55 -9.00 -19.89
CA ARG D 207 -13.40 -7.88 -19.52
C ARG D 207 -12.63 -6.94 -18.60
N TYR D 208 -11.84 -7.53 -17.69
CA TYR D 208 -11.04 -6.75 -16.75
C TYR D 208 -9.82 -6.12 -17.45
N SER D 209 -9.10 -6.92 -18.22
CA SER D 209 -7.90 -6.41 -18.91
C SER D 209 -8.27 -5.34 -19.93
N ARG D 210 -9.42 -5.50 -20.58
CA ARG D 210 -9.86 -4.53 -21.56
C ARG D 210 -10.15 -3.20 -20.87
N LYS D 211 -10.80 -3.27 -19.71
CA LYS D 211 -11.13 -2.07 -18.96
C LYS D 211 -9.84 -1.36 -18.54
N LEU D 212 -8.91 -2.12 -17.96
CA LEU D 212 -7.63 -1.55 -17.53
C LEU D 212 -6.93 -0.92 -18.72
N LYS D 213 -6.91 -1.65 -19.84
CA LYS D 213 -6.27 -1.17 -21.06
C LYS D 213 -6.85 0.19 -21.46
N GLU D 214 -8.17 0.29 -21.45
CA GLU D 214 -8.85 1.54 -21.82
C GLU D 214 -8.45 2.71 -20.93
N MET D 215 -8.54 2.51 -19.63
CA MET D 215 -8.19 3.56 -18.68
C MET D 215 -6.73 3.98 -18.81
N ARG D 216 -5.93 3.15 -19.45
CA ARG D 216 -4.51 3.45 -19.64
C ARG D 216 -4.35 4.66 -20.57
S SO4 E . -11.08 38.19 10.93
O1 SO4 E . -10.81 38.42 12.37
O2 SO4 E . -12.19 39.04 10.49
O3 SO4 E . -9.87 38.49 10.15
O4 SO4 E . -11.44 36.77 10.76
S SO4 F . 5.09 25.80 -5.00
O1 SO4 F . 4.82 26.66 -3.83
O2 SO4 F . 3.85 25.09 -5.36
O3 SO4 F . 5.52 26.63 -6.14
O4 SO4 F . 6.14 24.82 -4.67
C1 144 G . -10.78 32.90 1.59
N 144 G . -10.45 31.66 0.91
C2 144 G . -11.08 31.68 -0.47
O2 144 G . -12.31 32.02 -1.01
C3 144 G . -10.94 30.58 1.84
O3 144 G . -10.73 29.21 1.38
C4 144 G . -8.97 31.67 0.78
O4 144 G . -8.07 31.88 -0.52
S SO4 H . 15.57 33.71 -17.74
O1 SO4 H . 16.91 33.87 -17.16
O2 SO4 H . 14.60 34.44 -16.89
O3 SO4 H . 15.54 34.28 -19.09
O4 SO4 H . 15.23 32.28 -17.81
S SO4 I . -4.89 28.33 -3.29
O1 SO4 I . -4.86 29.13 -2.04
O2 SO4 I . -6.29 28.07 -3.67
O3 SO4 I . -4.22 29.07 -4.37
O4 SO4 I . -4.20 27.05 -3.06
C1 144 J . 11.28 25.13 -9.33
N 144 J . 11.99 26.37 -9.01
C2 144 J . 11.15 27.16 -8.06
O2 144 J . 9.80 27.38 -7.93
C3 144 J . 12.23 27.02 -10.35
O3 144 J . 12.93 28.27 -10.28
C4 144 J . 13.26 25.97 -8.36
O4 144 J . 13.59 25.57 -6.83
S SO4 K . -6.99 -44.19 15.06
O1 SO4 K . -5.57 -43.87 15.25
O2 SO4 K . -7.51 -44.84 16.27
O3 SO4 K . -7.77 -42.96 14.80
O4 SO4 K . -7.12 -45.10 13.90
S SO4 L . -2.62 -20.92 5.04
O1 SO4 L . -2.30 -19.60 5.64
O2 SO4 L . -3.60 -20.73 3.96
O3 SO4 L . -1.39 -21.52 4.50
O4 SO4 L . -3.19 -21.79 6.08
S SO4 M . -14.11 -11.47 -5.43
O1 SO4 M . -14.04 -11.04 -4.03
O2 SO4 M . -15.19 -10.73 -6.10
O3 SO4 M . -12.82 -11.18 -6.11
O4 SO4 M . -14.38 -12.92 -5.47
S SO4 N . -0.39 -31.05 3.97
O1 SO4 N . 0.47 -29.99 4.51
O2 SO4 N . -1.36 -30.47 3.01
O3 SO4 N . 0.45 -32.04 3.27
O4 SO4 N . -1.13 -31.72 5.05
C1 144 O . -6.31 -15.42 4.03
N 144 O . -6.60 -14.29 3.12
C2 144 O . -8.10 -14.17 2.97
O2 144 O . -9.16 -14.55 3.75
C3 144 O . -5.86 -14.61 1.85
O3 144 O . -6.05 -13.63 0.83
C4 144 O . -6.10 -13.08 3.81
O4 144 O . -6.01 -12.77 5.39
#